data_5HQM
#
_entry.id   5HQM
#
_cell.length_a   165.120
_cell.length_b   165.120
_cell.length_c   95.230
_cell.angle_alpha   90.000
_cell.angle_beta   90.000
_cell.angle_gamma   120.000
#
_symmetry.space_group_name_H-M   'H 3'
#
loop_
_entity.id
_entity.type
_entity.pdbx_description
1 polymer 'Ribulose bisphosphate carboxylase (R. palustris/R. rubrum chimera),Ribulose bisphosphate carboxylase'
2 non-polymer 2-CARBOXYARABINITOL-1,5-DIPHOSPHATE
3 non-polymer 'MAGNESIUM ION'
4 non-polymer 'POTASSIUM ION'
5 water water
#
_entity_poly.entity_id   1
_entity_poly.type   'polypeptide(L)'
_entity_poly.pdbx_seq_one_letter_code
;MGSSHHHHHHSSGLVPRGSHMDQSNRYANLNLKESELIAGGRHVLCAYIMKPKAGFGNFIQTAAHFAAESSTGTNVEVST
TDDFTRGVDALVYEVDEANSLMKIAYPIELFDRNVIDGRAMIASFLTLTIGNNQGMGDVEYAKMYDFYVPPAYLKLFDGP
STTIKDLWRVLGRPVINGGFIVGTIIKPKLGLRPQPFANACYDFWLGGDFI(KCX)NDEPQGNQVFAPFKDTVRAVADAM
RRAQDKTGEAKLFSFNITADDHYEMLARGEFILETFADNADHIAFLVDGYVAGPAAVTTARRAFPKQYLHYHRAGHGAVT
SPQSKRGYTAFVLSKMARLQGASGIHTGTMGFGKMEGEAADRAIAYMITEDAADGPYFHQEWLGMNPTTPIISGGMNALR
MPGFFDNLGHSNLIMTAGGGAFGHVDGGAAGAKSLRQAEQCWKQGADPVEFAKDHREFARAFESFPQDADKLYPNWRAKL
GVEDTRSALPA
;
_entity_poly.pdbx_strand_id   A,B
#
loop_
_chem_comp.id
_chem_comp.type
_chem_comp.name
_chem_comp.formula
CAP saccharide 2-CARBOXYARABINITOL-1,5-DIPHOSPHATE 'C6 H14 O13 P2'
K non-polymer 'POTASSIUM ION' 'K 1'
MG non-polymer 'MAGNESIUM ION' 'Mg 2'
#
# COMPACT_ATOMS: atom_id res chain seq x y z
N GLN A 23 9.15 30.15 -7.50
CA GLN A 23 9.01 28.73 -7.17
C GLN A 23 10.32 27.99 -7.51
N SER A 24 10.95 28.30 -8.69
CA SER A 24 12.25 27.75 -9.06
C SER A 24 13.32 28.41 -8.22
N ASN A 25 13.07 29.66 -7.74
CA ASN A 25 13.98 30.33 -6.80
C ASN A 25 13.73 29.81 -5.40
N ARG A 26 12.45 29.58 -5.02
CA ARG A 26 12.10 29.16 -3.69
C ARG A 26 12.46 27.70 -3.42
N TYR A 27 12.00 26.76 -4.26
CA TYR A 27 12.16 25.33 -4.03
C TYR A 27 13.39 24.66 -4.70
N ALA A 28 14.33 25.44 -5.26
CA ALA A 28 15.51 24.86 -5.87
C ALA A 28 16.76 25.60 -5.47
N ASN A 29 17.70 24.88 -4.88
CA ASN A 29 19.00 25.47 -4.54
C ASN A 29 20.06 24.48 -4.97
N LEU A 30 20.47 24.55 -6.23
CA LEU A 30 21.47 23.63 -6.77
C LEU A 30 22.88 23.96 -6.29
N ASN A 31 23.07 25.08 -5.52
CA ASN A 31 24.37 25.43 -4.94
C ASN A 31 24.62 24.58 -3.70
N LEU A 32 23.58 23.91 -3.14
CA LEU A 32 23.80 23.09 -1.94
C LEU A 32 24.67 21.89 -2.30
N LYS A 33 25.65 21.57 -1.45
CA LYS A 33 26.51 20.43 -1.64
C LYS A 33 25.95 19.26 -0.85
N GLU A 34 25.79 18.12 -1.52
CA GLU A 34 25.27 16.93 -0.89
C GLU A 34 26.11 16.55 0.33
N SER A 35 27.46 16.64 0.25
CA SER A 35 28.26 16.25 1.41
C SER A 35 27.94 17.11 2.65
N GLU A 36 27.66 18.41 2.45
CA GLU A 36 27.32 19.33 3.54
C GLU A 36 25.93 19.08 4.08
N LEU A 37 24.97 18.73 3.21
CA LEU A 37 23.63 18.38 3.66
C LEU A 37 23.68 17.11 4.51
N ILE A 38 24.52 16.14 4.12
CA ILE A 38 24.70 14.92 4.92
C ILE A 38 25.40 15.29 6.25
N ALA A 39 26.48 16.08 6.20
CA ALA A 39 27.23 16.48 7.40
C ALA A 39 26.36 17.27 8.39
N GLY A 40 25.50 18.13 7.87
CA GLY A 40 24.57 18.92 8.69
C GLY A 40 23.59 18.08 9.49
N GLY A 41 23.18 16.94 8.94
CA GLY A 41 22.31 15.99 9.62
C GLY A 41 20.90 16.49 9.91
N ARG A 42 20.44 17.51 9.15
CA ARG A 42 19.14 18.14 9.35
C ARG A 42 18.17 17.81 8.19
N HIS A 43 18.59 16.98 7.22
CA HIS A 43 17.73 16.70 6.07
C HIS A 43 17.66 15.25 5.70
N VAL A 44 16.48 14.83 5.29
CA VAL A 44 16.27 13.55 4.63
C VAL A 44 16.52 13.81 3.14
N LEU A 45 17.25 12.95 2.44
CA LEU A 45 17.48 13.17 1.01
C LEU A 45 16.77 12.08 0.22
N CYS A 46 16.24 12.42 -0.93
CA CYS A 46 15.53 11.48 -1.80
C CYS A 46 16.00 11.66 -3.20
N ALA A 47 16.26 10.56 -3.90
CA ALA A 47 16.70 10.55 -5.29
C ALA A 47 15.62 9.91 -6.10
N TYR A 48 15.15 10.62 -7.14
CA TYR A 48 14.10 10.17 -8.04
C TYR A 48 14.52 10.16 -9.48
N ILE A 49 13.94 9.26 -10.26
CA ILE A 49 14.02 9.25 -11.73
C ILE A 49 12.69 9.85 -12.17
N MET A 50 12.73 11.06 -12.78
CA MET A 50 11.52 11.83 -13.11
C MET A 50 11.51 12.34 -14.53
N LYS A 51 10.33 12.37 -15.15
CA LYS A 51 10.16 12.95 -16.46
C LYS A 51 9.04 13.95 -16.44
N PRO A 52 9.28 15.23 -16.84
CA PRO A 52 8.15 16.17 -16.93
C PRO A 52 7.18 15.81 -18.06
N LYS A 53 5.90 16.10 -17.87
CA LYS A 53 4.91 15.85 -18.91
C LYS A 53 5.13 16.87 -20.04
N ALA A 54 5.04 16.43 -21.31
CA ALA A 54 5.29 17.31 -22.44
C ALA A 54 4.28 18.45 -22.47
N GLY A 55 4.76 19.63 -22.86
CA GLY A 55 3.92 20.83 -22.94
C GLY A 55 3.72 21.60 -21.65
N PHE A 56 4.44 21.22 -20.55
CA PHE A 56 4.34 21.93 -19.27
C PHE A 56 5.72 22.61 -18.98
N GLY A 57 6.29 22.48 -17.78
CA GLY A 57 7.54 23.15 -17.46
C GLY A 57 8.78 22.37 -17.83
N ASN A 58 9.94 23.05 -17.74
CA ASN A 58 11.24 22.44 -17.97
C ASN A 58 11.60 21.53 -16.76
N PHE A 59 12.76 20.86 -16.82
CA PHE A 59 13.14 19.92 -15.78
C PHE A 59 13.25 20.54 -14.37
N ILE A 60 14.05 21.63 -14.20
CA ILE A 60 14.22 22.26 -12.88
C ILE A 60 12.88 22.84 -12.39
N GLN A 61 12.03 23.46 -13.29
CA GLN A 61 10.72 23.98 -12.86
C GLN A 61 9.81 22.87 -12.35
N THR A 62 9.80 21.71 -13.05
CA THR A 62 8.98 20.56 -12.65
C THR A 62 9.51 19.99 -11.34
N ALA A 63 10.83 19.91 -11.17
CA ALA A 63 11.44 19.41 -9.92
C ALA A 63 11.12 20.37 -8.76
N ALA A 64 11.12 21.71 -9.01
CA ALA A 64 10.78 22.69 -7.98
C ALA A 64 9.30 22.56 -7.56
N HIS A 65 8.36 22.41 -8.53
CA HIS A 65 6.93 22.23 -8.22
C HIS A 65 6.73 20.90 -7.45
N PHE A 66 7.47 19.84 -7.83
CA PHE A 66 7.44 18.54 -7.14
C PHE A 66 7.88 18.70 -5.66
N ALA A 67 8.97 19.45 -5.41
CA ALA A 67 9.44 19.70 -4.05
C ALA A 67 8.38 20.51 -3.29
N ALA A 68 7.70 21.47 -3.97
CA ALA A 68 6.62 22.26 -3.35
C ALA A 68 5.47 21.35 -2.90
N GLU A 69 4.97 20.49 -3.80
CA GLU A 69 3.84 19.57 -3.50
C GLU A 69 4.21 18.45 -2.52
N SER A 70 5.51 18.29 -2.22
CA SER A 70 6.03 17.30 -1.29
C SER A 70 6.45 17.93 0.05
N SER A 71 6.19 19.24 0.27
CA SER A 71 6.58 19.85 1.54
C SER A 71 5.62 20.97 1.99
N THR A 72 5.79 22.17 1.50
CA THR A 72 5.04 23.31 1.99
C THR A 72 4.10 24.01 1.02
N GLY A 73 4.13 23.69 -0.25
CA GLY A 73 3.34 24.43 -1.24
C GLY A 73 2.23 23.67 -1.91
N THR A 74 1.56 24.39 -2.80
CA THR A 74 0.54 23.90 -3.69
C THR A 74 0.94 24.44 -5.10
N ASN A 75 -0.01 24.58 -6.04
CA ASN A 75 0.32 25.02 -7.42
C ASN A 75 0.09 26.52 -7.69
N VAL A 76 -0.26 27.29 -6.64
CA VAL A 76 -0.45 28.74 -6.71
C VAL A 76 0.11 29.34 -5.44
N GLU A 77 0.40 30.64 -5.48
CA GLU A 77 0.91 31.36 -4.32
C GLU A 77 -0.25 31.54 -3.32
N VAL A 78 0.03 31.45 -2.00
CA VAL A 78 -1.01 31.60 -0.97
C VAL A 78 -0.61 32.74 0.00
N SER A 79 -1.61 33.49 0.46
CA SER A 79 -1.47 34.63 1.39
C SER A 79 -0.91 34.24 2.77
N THR A 80 -1.16 33.00 3.21
CA THR A 80 -0.76 32.51 4.55
C THR A 80 0.73 32.16 4.69
N THR A 81 1.50 32.03 3.60
CA THR A 81 2.95 31.74 3.67
C THR A 81 3.73 32.83 4.45
N ASP A 82 4.62 32.39 5.36
CA ASP A 82 5.49 33.27 6.16
C ASP A 82 6.96 32.81 6.01
N ASP A 83 7.91 33.54 6.64
CA ASP A 83 9.34 33.22 6.58
C ASP A 83 9.63 31.89 7.25
N PHE A 84 8.93 31.62 8.35
CA PHE A 84 9.08 30.35 9.06
C PHE A 84 8.79 29.19 8.10
N THR A 85 7.70 29.29 7.31
CA THR A 85 7.33 28.23 6.37
C THR A 85 8.46 28.01 5.36
N ARG A 86 9.03 29.11 4.83
CA ARG A 86 10.10 29.06 3.85
C ARG A 86 11.33 28.27 4.35
N GLY A 87 11.60 28.34 5.65
CA GLY A 87 12.69 27.59 6.27
C GLY A 87 12.51 26.07 6.30
N VAL A 88 11.26 25.56 6.13
CA VAL A 88 11.03 24.12 6.13
C VAL A 88 10.69 23.63 4.70
N ASP A 89 10.88 24.48 3.69
CA ASP A 89 10.71 24.05 2.30
C ASP A 89 11.64 22.88 1.92
N ALA A 90 11.12 21.89 1.17
CA ALA A 90 11.97 20.86 0.59
C ALA A 90 12.69 21.53 -0.56
N LEU A 91 13.97 21.18 -0.82
CA LEU A 91 14.73 21.84 -1.86
C LEU A 91 15.35 20.87 -2.84
N VAL A 92 15.25 21.19 -4.12
CA VAL A 92 15.97 20.47 -5.16
C VAL A 92 17.41 20.92 -5.04
N TYR A 93 18.35 20.02 -4.77
CA TYR A 93 19.75 20.40 -4.59
C TYR A 93 20.63 19.82 -5.70
N GLU A 94 20.13 18.87 -6.50
CA GLU A 94 20.91 18.31 -7.59
C GLU A 94 19.98 17.80 -8.68
N VAL A 95 20.31 18.09 -9.95
CA VAL A 95 19.57 17.60 -11.10
C VAL A 95 20.57 17.06 -12.12
N ASP A 96 20.15 16.03 -12.87
CA ASP A 96 20.92 15.48 -13.99
C ASP A 96 19.88 15.10 -15.03
N GLU A 97 19.40 16.11 -15.77
CA GLU A 97 18.33 15.97 -16.74
C GLU A 97 18.62 14.89 -17.77
N ALA A 98 19.86 14.76 -18.25
CA ALA A 98 20.24 13.72 -19.24
C ALA A 98 19.92 12.31 -18.72
N ASN A 99 20.03 12.07 -17.40
CA ASN A 99 19.72 10.77 -16.78
C ASN A 99 18.40 10.80 -16.00
N SER A 100 17.58 11.84 -16.18
CA SER A 100 16.26 12.03 -15.59
C SER A 100 16.32 12.02 -14.06
N LEU A 101 17.42 12.49 -13.48
CA LEU A 101 17.65 12.41 -12.04
C LEU A 101 17.39 13.72 -11.36
N MET A 102 16.72 13.65 -10.23
CA MET A 102 16.37 14.76 -9.36
C MET A 102 16.60 14.32 -7.93
N LYS A 103 17.31 15.13 -7.12
CA LYS A 103 17.52 14.82 -5.71
C LYS A 103 16.94 15.95 -4.90
N ILE A 104 16.14 15.63 -3.87
CA ILE A 104 15.47 16.62 -3.03
C ILE A 104 15.86 16.43 -1.58
N ALA A 105 16.07 17.56 -0.87
CA ALA A 105 16.42 17.60 0.53
C ALA A 105 15.20 18.05 1.32
N TYR A 106 14.75 17.21 2.25
CA TYR A 106 13.59 17.45 3.10
C TYR A 106 14.01 17.79 4.52
N PRO A 107 13.84 19.05 4.97
CA PRO A 107 14.15 19.36 6.37
C PRO A 107 13.43 18.37 7.30
N ILE A 108 14.17 17.83 8.24
CA ILE A 108 13.62 16.77 9.07
C ILE A 108 12.43 17.21 9.95
N GLU A 109 12.30 18.50 10.22
CA GLU A 109 11.18 19.06 10.99
C GLU A 109 9.81 18.87 10.27
N LEU A 110 9.81 18.56 8.96
CA LEU A 110 8.57 18.31 8.23
C LEU A 110 7.87 17.03 8.67
N PHE A 111 8.64 16.04 9.10
CA PHE A 111 8.09 14.71 9.33
C PHE A 111 7.30 14.63 10.66
N ASP A 112 6.11 14.01 10.60
CA ASP A 112 5.26 13.83 11.77
C ASP A 112 5.93 12.89 12.81
N ARG A 113 5.61 13.12 14.06
CA ARG A 113 6.10 12.39 15.20
C ARG A 113 4.91 12.03 16.11
N ASN A 114 4.98 10.90 16.76
CA ASN A 114 3.91 10.53 17.70
C ASN A 114 3.80 11.44 18.92
N VAL A 115 2.58 11.81 19.25
CA VAL A 115 2.27 12.53 20.48
C VAL A 115 2.60 11.64 21.70
N ILE A 116 2.32 10.34 21.61
CA ILE A 116 2.48 9.44 22.76
C ILE A 116 3.95 9.19 23.14
N ASP A 117 4.88 9.11 22.18
CA ASP A 117 6.26 8.76 22.47
C ASP A 117 7.35 9.49 21.68
N GLY A 118 6.97 10.52 20.94
CA GLY A 118 7.89 11.33 20.15
C GLY A 118 8.65 10.61 19.06
N ARG A 119 8.23 9.42 18.68
CA ARG A 119 8.92 8.62 17.71
C ARG A 119 8.39 8.89 16.29
N ALA A 120 9.19 8.55 15.29
CA ALA A 120 8.86 8.77 13.89
C ALA A 120 7.85 7.76 13.41
N MET A 121 7.24 8.06 12.28
CA MET A 121 6.28 7.21 11.59
C MET A 121 6.60 7.21 10.12
N ILE A 122 6.67 6.02 9.53
CA ILE A 122 6.96 5.90 8.10
C ILE A 122 5.82 6.47 7.26
N ALA A 123 4.58 6.48 7.79
CA ALA A 123 3.44 7.05 7.04
C ALA A 123 3.69 8.48 6.62
N SER A 124 4.30 9.27 7.49
CA SER A 124 4.61 10.67 7.19
C SER A 124 5.72 10.79 6.16
N PHE A 125 6.75 9.96 6.27
CA PHE A 125 7.82 9.92 5.27
C PHE A 125 7.19 9.63 3.89
N LEU A 126 6.28 8.67 3.83
CA LEU A 126 5.62 8.30 2.57
C LEU A 126 4.72 9.41 2.05
N THR A 127 3.88 9.96 2.93
CA THR A 127 2.94 11.00 2.47
C THR A 127 3.67 12.18 1.85
N LEU A 128 4.77 12.62 2.45
CA LEU A 128 5.52 13.75 1.91
C LEU A 128 6.39 13.41 0.70
N THR A 129 7.20 12.34 0.78
CA THR A 129 8.20 12.09 -0.25
C THR A 129 7.66 11.32 -1.47
N ILE A 130 6.52 10.62 -1.36
CA ILE A 130 6.00 9.84 -2.50
C ILE A 130 4.43 9.75 -2.39
N GLY A 131 3.82 10.86 -2.00
CA GLY A 131 2.37 10.95 -1.80
C GLY A 131 1.68 11.64 -2.95
N ASN A 132 1.19 12.85 -2.70
CA ASN A 132 0.49 13.64 -3.71
C ASN A 132 1.34 13.92 -4.93
N ASN A 133 2.67 13.91 -4.79
CA ASN A 133 3.52 14.14 -5.96
C ASN A 133 3.35 13.04 -7.07
N GLN A 134 2.69 11.89 -6.73
CA GLN A 134 2.41 10.81 -7.68
C GLN A 134 1.15 11.05 -8.53
N GLY A 135 0.41 12.14 -8.27
CA GLY A 135 -0.77 12.51 -9.05
C GLY A 135 -0.65 13.79 -9.83
N MET A 136 0.52 14.47 -9.78
CA MET A 136 0.72 15.75 -10.46
C MET A 136 0.46 15.66 -11.98
N GLY A 137 -0.42 16.53 -12.47
CA GLY A 137 -0.75 16.58 -13.88
C GLY A 137 0.37 17.02 -14.80
N ASP A 138 1.37 17.76 -14.29
CA ASP A 138 2.53 18.24 -15.06
C ASP A 138 3.77 17.29 -15.02
N VAL A 139 3.65 16.12 -14.38
CA VAL A 139 4.73 15.14 -14.28
C VAL A 139 4.30 13.89 -15.03
N GLU A 140 5.11 13.39 -15.94
CA GLU A 140 4.76 12.15 -16.63
C GLU A 140 4.87 10.99 -15.63
N TYR A 141 5.98 10.98 -14.89
CA TYR A 141 6.24 9.98 -13.86
C TYR A 141 7.41 10.40 -12.99
N ALA A 142 7.49 9.79 -11.84
CA ALA A 142 8.58 9.99 -10.86
C ALA A 142 8.61 8.83 -9.93
N LYS A 143 9.78 8.20 -9.78
CA LYS A 143 9.95 7.05 -8.92
C LYS A 143 11.13 7.24 -8.01
N MET A 144 10.98 6.94 -6.73
CA MET A 144 12.08 7.05 -5.76
C MET A 144 12.99 5.81 -5.85
N TYR A 145 14.29 6.04 -6.04
CA TYR A 145 15.33 5.00 -6.12
C TYR A 145 16.19 4.90 -4.86
N ASP A 146 16.25 5.96 -4.08
CA ASP A 146 17.04 5.92 -2.86
C ASP A 146 16.64 7.02 -1.94
N PHE A 147 16.97 6.85 -0.67
CA PHE A 147 16.75 7.90 0.31
C PHE A 147 17.82 7.79 1.42
N TYR A 148 18.10 8.92 2.05
CA TYR A 148 19.09 9.05 3.12
C TYR A 148 18.38 9.54 4.36
N VAL A 149 18.64 8.87 5.51
CA VAL A 149 18.05 9.25 6.80
C VAL A 149 19.20 9.66 7.71
N PRO A 150 19.22 10.93 8.17
CA PRO A 150 20.31 11.36 9.06
C PRO A 150 20.11 10.83 10.49
N PRO A 151 21.17 10.81 11.34
CA PRO A 151 21.02 10.27 12.72
C PRO A 151 19.85 10.81 13.54
N ALA A 152 19.57 12.12 13.49
CA ALA A 152 18.48 12.73 14.26
C ALA A 152 17.07 12.22 13.89
N TYR A 153 16.91 11.68 12.68
CA TYR A 153 15.63 11.09 12.23
C TYR A 153 15.67 9.55 12.34
N LEU A 154 16.78 8.91 11.95
CA LEU A 154 16.94 7.46 12.04
C LEU A 154 16.73 6.98 13.46
N LYS A 155 17.30 7.70 14.46
CA LYS A 155 17.18 7.24 15.85
C LYS A 155 15.75 7.25 16.37
N LEU A 156 14.80 7.97 15.71
CA LEU A 156 13.40 8.03 16.12
C LEU A 156 12.55 6.88 15.56
N PHE A 157 13.13 5.98 14.76
CA PHE A 157 12.41 4.84 14.22
C PHE A 157 12.57 3.64 15.11
N ASP A 158 11.57 2.75 15.10
CA ASP A 158 11.59 1.56 15.95
C ASP A 158 12.80 0.66 15.67
N GLY A 159 13.05 0.37 14.40
CA GLY A 159 14.06 -0.58 14.01
C GLY A 159 13.67 -1.97 14.48
N PRO A 160 14.33 -3.02 14.00
CA PRO A 160 13.96 -4.37 14.46
C PRO A 160 14.29 -4.64 15.94
N SER A 161 13.38 -5.36 16.66
CA SER A 161 13.61 -5.79 18.03
C SER A 161 14.07 -7.27 18.08
N THR A 162 13.70 -8.08 17.09
CA THR A 162 14.08 -9.49 16.99
C THR A 162 14.77 -9.63 15.65
N THR A 163 15.81 -10.49 15.56
CA THR A 163 16.58 -10.68 14.31
C THR A 163 16.78 -12.16 14.08
N ILE A 164 17.50 -12.51 13.01
CA ILE A 164 17.83 -13.91 12.76
C ILE A 164 18.64 -14.53 13.92
N LYS A 165 19.41 -13.70 14.64
CA LYS A 165 20.19 -14.13 15.82
C LYS A 165 19.32 -14.87 16.84
N ASP A 166 18.10 -14.39 17.01
CA ASP A 166 17.13 -14.97 17.93
C ASP A 166 16.62 -16.30 17.41
N LEU A 167 16.49 -16.45 16.08
CA LEU A 167 16.13 -17.74 15.48
C LEU A 167 17.27 -18.73 15.60
N TRP A 168 18.51 -18.29 15.28
CA TRP A 168 19.71 -19.12 15.43
C TRP A 168 19.82 -19.66 16.87
N ARG A 169 19.54 -18.80 17.88
CA ARG A 169 19.61 -19.21 19.28
C ARG A 169 18.56 -20.29 19.56
N VAL A 170 17.34 -20.15 19.04
CA VAL A 170 16.29 -21.20 19.24
C VAL A 170 16.74 -22.52 18.53
N LEU A 171 17.36 -22.40 17.35
CA LEU A 171 17.85 -23.57 16.62
C LEU A 171 19.11 -24.21 17.22
N GLY A 172 19.76 -23.56 18.17
CA GLY A 172 20.98 -24.07 18.77
C GLY A 172 22.19 -23.81 17.89
N ARG A 173 22.08 -22.82 17.00
CA ARG A 173 23.18 -22.45 16.10
C ARG A 173 24.00 -21.36 16.76
N PRO A 174 25.23 -21.11 16.31
CA PRO A 174 25.96 -19.95 16.84
C PRO A 174 25.16 -18.68 16.55
N VAL A 175 25.14 -17.72 17.47
CA VAL A 175 24.38 -16.48 17.26
C VAL A 175 25.13 -15.48 16.36
N ILE A 176 26.38 -15.77 16.00
CA ILE A 176 27.15 -15.00 15.02
C ILE A 176 27.37 -15.94 13.85
N ASN A 177 26.93 -15.56 12.66
CA ASN A 177 27.06 -16.38 11.45
C ASN A 177 26.51 -17.79 11.67
N GLY A 178 25.31 -17.87 12.24
CA GLY A 178 24.63 -19.15 12.47
C GLY A 178 24.19 -19.90 11.23
N GLY A 179 24.28 -19.26 10.07
CA GLY A 179 24.07 -19.92 8.80
C GLY A 179 22.67 -20.00 8.28
N PHE A 180 22.48 -20.91 7.34
CA PHE A 180 21.25 -21.04 6.56
C PHE A 180 20.06 -21.71 7.27
N ILE A 181 18.87 -21.07 7.21
CA ILE A 181 17.64 -21.59 7.77
C ILE A 181 16.82 -22.15 6.60
N VAL A 182 16.66 -23.48 6.58
CA VAL A 182 15.97 -24.19 5.50
C VAL A 182 14.48 -24.04 5.71
N GLY A 183 13.82 -23.42 4.75
CA GLY A 183 12.40 -23.17 4.87
C GLY A 183 11.52 -23.59 3.73
N THR A 184 10.25 -23.52 4.00
CA THR A 184 9.21 -23.73 3.01
C THR A 184 8.00 -22.91 3.32
N ILE A 185 7.06 -22.94 2.38
CA ILE A 185 5.76 -22.36 2.47
C ILE A 185 4.83 -23.52 2.34
N ILE A 186 3.79 -23.62 3.18
CA ILE A 186 2.83 -24.71 2.97
C ILE A 186 2.06 -24.44 1.66
N LYS A 187 2.15 -25.35 0.73
CA LYS A 187 1.39 -25.36 -0.53
C LYS A 187 0.46 -26.58 -0.50
N PRO A 188 -0.77 -26.53 -1.07
CA PRO A 188 -1.36 -25.41 -1.81
C PRO A 188 -1.52 -24.12 -0.99
N LYS A 189 -1.48 -23.01 -1.72
CA LYS A 189 -1.59 -21.67 -1.16
C LYS A 189 -2.84 -21.57 -0.29
N LEU A 190 -3.93 -22.21 -0.72
CA LEU A 190 -5.17 -22.33 0.05
C LEU A 190 -5.83 -23.65 -0.37
N GLY A 191 -6.57 -24.27 0.53
CA GLY A 191 -7.29 -25.51 0.24
C GLY A 191 -7.09 -26.61 1.26
N LEU A 192 -5.90 -26.67 1.89
CA LEU A 192 -5.66 -27.70 2.90
C LEU A 192 -6.47 -27.44 4.14
N ARG A 193 -7.15 -28.48 4.62
CA ARG A 193 -7.90 -28.44 5.86
C ARG A 193 -6.89 -28.55 7.05
N PRO A 194 -7.31 -28.32 8.30
CA PRO A 194 -6.33 -28.28 9.42
C PRO A 194 -5.40 -29.48 9.58
N GLN A 195 -5.88 -30.75 9.58
CA GLN A 195 -4.97 -31.89 9.78
C GLN A 195 -4.10 -32.14 8.54
N PRO A 196 -4.61 -32.19 7.28
CA PRO A 196 -3.70 -32.27 6.12
C PRO A 196 -2.64 -31.14 6.11
N PHE A 197 -3.00 -29.90 6.50
CA PHE A 197 -2.02 -28.79 6.64
C PHE A 197 -0.88 -29.18 7.60
N ALA A 198 -1.27 -29.60 8.82
CA ALA A 198 -0.33 -29.97 9.88
C ALA A 198 0.49 -31.20 9.51
N ASN A 199 -0.09 -32.15 8.76
CA ASN A 199 0.65 -33.32 8.27
C ASN A 199 1.75 -32.89 7.31
N ALA A 200 1.49 -31.89 6.43
CA ALA A 200 2.53 -31.36 5.52
C ALA A 200 3.60 -30.62 6.33
N CYS A 201 3.20 -29.97 7.43
CA CYS A 201 4.17 -29.31 8.33
C CYS A 201 5.14 -30.34 8.94
N TYR A 202 4.56 -31.41 9.51
CA TYR A 202 5.35 -32.48 10.13
C TYR A 202 6.35 -33.06 9.12
N ASP A 203 5.88 -33.40 7.89
CA ASP A 203 6.73 -33.98 6.85
C ASP A 203 7.90 -33.07 6.50
N PHE A 204 7.64 -31.77 6.26
CA PHE A 204 8.73 -30.84 5.92
C PHE A 204 9.75 -30.73 7.07
N TRP A 205 9.24 -30.64 8.32
CA TRP A 205 10.07 -30.50 9.52
C TRP A 205 10.97 -31.72 9.80
N LEU A 206 10.69 -32.90 9.22
CA LEU A 206 11.59 -34.04 9.35
C LEU A 206 12.95 -33.72 8.69
N GLY A 207 12.96 -32.84 7.69
CA GLY A 207 14.18 -32.42 7.02
C GLY A 207 14.54 -30.95 7.10
N GLY A 208 13.58 -30.08 7.39
CA GLY A 208 13.80 -28.63 7.42
C GLY A 208 13.56 -27.93 8.71
N ASP A 209 13.81 -26.62 8.71
CA ASP A 209 13.76 -25.80 9.92
C ASP A 209 12.54 -24.96 10.06
N PHE A 210 12.17 -24.26 9.00
CA PHE A 210 11.22 -23.16 9.06
C PHE A 210 10.08 -23.35 8.11
N ILE A 211 8.89 -23.03 8.55
CA ILE A 211 7.69 -23.10 7.71
C ILE A 211 7.00 -21.77 7.89
N KCX A 212 6.49 -21.30 6.80
CA KCX A 212 5.82 -20.02 6.73
CB KCX A 212 6.05 -18.63 6.11
CG KCX A 212 6.43 -18.96 4.65
CD KCX A 212 7.16 -17.83 3.88
CE KCX A 212 6.28 -16.56 3.73
NZ KCX A 212 4.97 -16.77 3.13
C KCX A 212 4.38 -20.32 6.25
O KCX A 212 4.21 -21.13 5.32
CX KCX A 212 4.99 -16.81 1.73
OQ1 KCX A 212 6.10 -16.76 1.08
OQ2 KCX A 212 3.84 -16.99 1.08
N ASN A 213 3.35 -19.64 6.77
CA ASN A 213 2.06 -19.69 6.10
C ASN A 213 2.24 -19.11 4.70
N ASP A 214 1.56 -19.64 3.69
CA ASP A 214 1.51 -18.91 2.43
C ASP A 214 0.72 -17.61 2.75
N GLU A 215 1.09 -16.46 2.13
CA GLU A 215 0.57 -15.14 2.51
C GLU A 215 -0.97 -14.98 2.74
N PRO A 216 -1.90 -15.66 2.04
CA PRO A 216 -3.32 -15.43 2.36
C PRO A 216 -3.89 -16.37 3.43
N GLN A 217 -3.17 -17.43 3.86
CA GLN A 217 -3.68 -18.44 4.81
C GLN A 217 -3.94 -17.81 6.18
N GLY A 218 -5.12 -18.03 6.72
CA GLY A 218 -5.52 -17.47 8.01
C GLY A 218 -6.68 -18.20 8.65
N ASN A 219 -7.87 -17.64 8.52
CA ASN A 219 -9.08 -18.16 9.10
C ASN A 219 -10.12 -18.41 7.99
N GLN A 220 -9.75 -19.14 6.95
CA GLN A 220 -10.74 -19.50 5.91
C GLN A 220 -11.77 -20.48 6.48
N VAL A 221 -12.98 -20.47 5.92
CA VAL A 221 -14.09 -21.28 6.46
C VAL A 221 -13.77 -22.79 6.46
N PHE A 222 -12.92 -23.27 5.54
CA PHE A 222 -12.51 -24.68 5.44
C PHE A 222 -11.27 -24.99 6.29
N ALA A 223 -10.56 -23.98 6.81
CA ALA A 223 -9.39 -24.20 7.67
C ALA A 223 -9.41 -23.16 8.76
N PRO A 224 -10.31 -23.30 9.73
CA PRO A 224 -10.42 -22.28 10.77
C PRO A 224 -9.08 -22.09 11.48
N PHE A 225 -8.78 -20.83 11.81
CA PHE A 225 -7.52 -20.41 12.38
C PHE A 225 -7.15 -21.19 13.65
N LYS A 226 -8.07 -21.28 14.61
CA LYS A 226 -7.72 -21.94 15.86
C LYS A 226 -7.44 -23.42 15.67
N ASP A 227 -8.23 -24.10 14.82
CA ASP A 227 -8.01 -25.52 14.51
C ASP A 227 -6.67 -25.75 13.82
N THR A 228 -6.29 -24.88 12.89
CA THR A 228 -5.04 -25.02 12.15
C THR A 228 -3.87 -24.76 13.09
N VAL A 229 -3.96 -23.70 13.89
CA VAL A 229 -2.90 -23.34 14.84
C VAL A 229 -2.64 -24.49 15.82
N ARG A 230 -3.71 -25.11 16.36
CA ARG A 230 -3.57 -26.25 17.29
C ARG A 230 -2.97 -27.47 16.62
N ALA A 231 -3.39 -27.76 15.36
CA ALA A 231 -2.88 -28.93 14.63
C ALA A 231 -1.39 -28.72 14.29
N VAL A 232 -1.00 -27.49 13.96
CA VAL A 232 0.40 -27.16 13.66
C VAL A 232 1.22 -27.26 14.97
N ALA A 233 0.70 -26.75 16.12
CA ALA A 233 1.41 -26.86 17.40
C ALA A 233 1.70 -28.35 17.74
N ASP A 234 0.74 -29.23 17.48
CA ASP A 234 0.92 -30.66 17.70
C ASP A 234 1.95 -31.24 16.70
N ALA A 235 1.94 -30.79 15.42
CA ALA A 235 2.93 -31.26 14.44
C ALA A 235 4.34 -30.80 14.83
N MET A 236 4.47 -29.57 15.38
CA MET A 236 5.78 -29.08 15.82
C MET A 236 6.31 -29.98 16.96
N ARG A 237 5.47 -30.28 17.96
CA ARG A 237 5.92 -31.14 19.06
C ARG A 237 6.33 -32.51 18.53
N ARG A 238 5.54 -33.06 17.59
CA ARG A 238 5.83 -34.40 17.05
C ARG A 238 7.14 -34.42 16.25
N ALA A 239 7.37 -33.42 15.42
CA ALA A 239 8.60 -33.31 14.63
C ALA A 239 9.82 -33.08 15.53
N GLN A 240 9.70 -32.22 16.53
CA GLN A 240 10.80 -31.98 17.48
C GLN A 240 11.14 -33.23 18.29
N ASP A 241 10.12 -34.01 18.70
CA ASP A 241 10.33 -35.29 19.42
C ASP A 241 11.00 -36.30 18.53
N LYS A 242 10.58 -36.35 17.27
CA LYS A 242 11.12 -37.30 16.29
C LYS A 242 12.57 -36.96 15.90
N THR A 243 12.85 -35.70 15.58
CA THR A 243 14.17 -35.31 15.08
C THR A 243 15.17 -34.90 16.16
N GLY A 244 14.69 -34.47 17.33
CA GLY A 244 15.54 -33.92 18.37
C GLY A 244 16.05 -32.52 18.03
N GLU A 245 15.43 -31.85 17.03
CA GLU A 245 15.84 -30.52 16.56
C GLU A 245 14.70 -29.56 16.74
N ALA A 246 15.00 -28.29 16.99
CA ALA A 246 13.99 -27.23 17.12
C ALA A 246 13.45 -26.85 15.75
N LYS A 247 12.16 -26.56 15.70
CA LYS A 247 11.44 -26.19 14.46
C LYS A 247 10.74 -24.86 14.63
N LEU A 248 10.61 -24.12 13.54
CA LEU A 248 10.05 -22.76 13.53
C LEU A 248 8.86 -22.65 12.60
N PHE A 249 7.89 -21.79 12.96
CA PHE A 249 6.74 -21.53 12.13
C PHE A 249 6.47 -20.03 12.11
N SER A 250 6.20 -19.47 10.92
CA SER A 250 5.83 -18.07 10.75
C SER A 250 4.35 -17.99 10.38
N PHE A 251 3.51 -17.52 11.33
CA PHE A 251 2.07 -17.43 11.13
C PHE A 251 1.63 -16.11 10.61
N ASN A 252 0.79 -16.12 9.60
CA ASN A 252 0.18 -14.90 9.09
C ASN A 252 -0.84 -14.37 10.11
N ILE A 253 -0.61 -13.17 10.64
CA ILE A 253 -1.54 -12.53 11.60
C ILE A 253 -2.15 -11.25 10.97
N THR A 254 -1.94 -11.04 9.68
CA THR A 254 -2.50 -9.91 8.95
C THR A 254 -4.00 -9.79 9.09
N ALA A 255 -4.44 -8.59 9.37
CA ALA A 255 -5.87 -8.27 9.36
C ALA A 255 -6.03 -6.77 9.14
N ASP A 256 -7.22 -6.34 8.71
CA ASP A 256 -7.54 -4.92 8.66
C ASP A 256 -7.66 -4.40 10.11
N ASP A 257 -8.28 -5.20 10.97
CA ASP A 257 -8.52 -4.81 12.35
C ASP A 257 -7.33 -5.17 13.24
N HIS A 258 -6.69 -4.14 13.80
CA HIS A 258 -5.64 -4.23 14.79
C HIS A 258 -5.96 -5.28 15.89
N TYR A 259 -7.20 -5.28 16.36
CA TYR A 259 -7.62 -6.18 17.46
C TYR A 259 -7.65 -7.62 16.99
N GLU A 260 -7.94 -7.88 15.70
CA GLU A 260 -7.88 -9.21 15.13
C GLU A 260 -6.43 -9.66 15.09
N MET A 261 -5.51 -8.78 14.67
CA MET A 261 -4.10 -9.11 14.67
C MET A 261 -3.62 -9.49 16.10
N LEU A 262 -4.03 -8.72 17.12
CA LEU A 262 -3.70 -9.07 18.53
C LEU A 262 -4.29 -10.41 18.93
N ALA A 263 -5.57 -10.66 18.59
CA ALA A 263 -6.23 -11.91 18.97
C ALA A 263 -5.50 -13.09 18.38
N ARG A 264 -5.13 -12.99 17.09
CA ARG A 264 -4.41 -14.07 16.43
C ARG A 264 -3.07 -14.34 17.10
N GLY A 265 -2.29 -13.30 17.27
CA GLY A 265 -0.98 -13.41 17.89
C GLY A 265 -1.02 -13.96 19.31
N GLU A 266 -1.91 -13.44 20.12
CA GLU A 266 -2.07 -13.90 21.51
C GLU A 266 -2.45 -15.36 21.57
N PHE A 267 -3.39 -15.78 20.71
CA PHE A 267 -3.81 -17.18 20.66
C PHE A 267 -2.67 -18.12 20.27
N ILE A 268 -1.87 -17.73 19.29
CA ILE A 268 -0.72 -18.53 18.85
C ILE A 268 0.28 -18.71 20.00
N LEU A 269 0.66 -17.63 20.67
CA LEU A 269 1.68 -17.73 21.76
C LEU A 269 1.20 -18.57 22.93
N GLU A 270 -0.06 -18.43 23.31
CA GLU A 270 -0.60 -19.23 24.38
C GLU A 270 -0.68 -20.70 24.00
N THR A 271 -1.12 -20.99 22.79
CA THR A 271 -1.21 -22.37 22.30
C THR A 271 0.16 -23.04 22.21
N PHE A 272 1.16 -22.33 21.64
CA PHE A 272 2.50 -22.92 21.46
C PHE A 272 3.21 -23.09 22.79
N ALA A 273 2.87 -22.28 23.81
CA ALA A 273 3.33 -22.43 25.20
C ALA A 273 4.90 -22.49 25.30
N ASP A 274 5.47 -23.66 25.66
CA ASP A 274 6.94 -23.78 25.79
C ASP A 274 7.65 -23.72 24.41
N ASN A 275 6.90 -23.72 23.29
CA ASN A 275 7.44 -23.50 21.95
C ASN A 275 7.08 -22.08 21.44
N ALA A 276 6.68 -21.14 22.32
CA ALA A 276 6.27 -19.78 21.87
C ALA A 276 7.43 -19.00 21.27
N ASP A 277 8.69 -19.28 21.71
CA ASP A 277 9.83 -18.61 21.11
C ASP A 277 10.24 -19.24 19.74
N HIS A 278 9.49 -20.24 19.25
CA HIS A 278 9.71 -20.84 17.92
C HIS A 278 8.79 -20.19 16.89
N ILE A 279 8.06 -19.13 17.26
CA ILE A 279 7.06 -18.50 16.41
C ILE A 279 7.47 -17.18 15.88
N ALA A 280 7.28 -16.99 14.58
CA ALA A 280 7.42 -15.74 13.88
C ALA A 280 6.03 -15.29 13.49
N PHE A 281 5.83 -14.00 13.41
CA PHE A 281 4.57 -13.43 12.92
C PHE A 281 4.78 -12.79 11.56
N LEU A 282 4.00 -13.27 10.59
CA LEU A 282 4.00 -12.78 9.22
C LEU A 282 2.92 -11.72 9.04
N VAL A 283 3.31 -10.57 8.45
CA VAL A 283 2.42 -9.48 8.12
C VAL A 283 2.60 -9.17 6.63
N ASP A 284 1.50 -9.10 5.89
CA ASP A 284 1.45 -8.70 4.48
C ASP A 284 1.55 -7.17 4.49
N GLY A 285 2.76 -6.69 4.70
CA GLY A 285 3.04 -5.28 4.96
C GLY A 285 2.77 -4.29 3.85
N TYR A 286 2.84 -4.74 2.60
CA TYR A 286 2.58 -3.83 1.48
C TYR A 286 1.05 -3.66 1.31
N VAL A 287 0.26 -4.77 1.35
CA VAL A 287 -1.19 -4.63 1.16
C VAL A 287 -1.92 -4.11 2.41
N ALA A 288 -1.54 -4.54 3.63
CA ALA A 288 -2.23 -4.12 4.87
C ALA A 288 -1.70 -2.76 5.36
N GLY A 289 -0.47 -2.46 4.99
CA GLY A 289 0.18 -1.19 5.21
C GLY A 289 1.11 -1.13 6.41
N PRO A 290 1.83 0.01 6.51
CA PRO A 290 2.71 0.23 7.68
C PRO A 290 1.99 0.12 9.03
N ALA A 291 0.70 0.52 9.12
CA ALA A 291 -0.06 0.41 10.36
C ALA A 291 -0.10 -1.06 10.86
N ALA A 292 -0.33 -2.02 9.96
CA ALA A 292 -0.34 -3.45 10.28
C ALA A 292 1.07 -3.95 10.76
N VAL A 293 2.12 -3.48 10.09
CA VAL A 293 3.51 -3.86 10.41
C VAL A 293 3.83 -3.37 11.85
N THR A 294 3.48 -2.11 12.16
CA THR A 294 3.73 -1.51 13.48
C THR A 294 2.90 -2.21 14.54
N THR A 295 1.63 -2.61 14.22
CA THR A 295 0.81 -3.35 15.19
C THR A 295 1.62 -4.55 15.68
N ALA A 296 2.16 -5.36 14.74
CA ALA A 296 2.92 -6.56 15.10
C ALA A 296 4.23 -6.20 15.81
N ARG A 297 4.95 -5.18 15.32
CA ARG A 297 6.26 -4.80 15.88
C ARG A 297 6.13 -4.31 17.32
N ARG A 298 5.14 -3.46 17.60
CA ARG A 298 4.96 -2.90 18.94
C ARG A 298 4.23 -3.84 19.89
N ALA A 299 3.31 -4.69 19.38
CA ALA A 299 2.60 -5.59 20.30
C ALA A 299 3.42 -6.81 20.63
N PHE A 300 4.23 -7.30 19.67
CA PHE A 300 4.99 -8.54 19.82
C PHE A 300 6.45 -8.31 19.45
N PRO A 301 7.15 -7.43 20.19
CA PRO A 301 8.56 -7.18 19.86
C PRO A 301 9.49 -8.34 20.06
N LYS A 302 9.12 -9.36 20.84
CA LYS A 302 9.94 -10.53 21.08
C LYS A 302 9.60 -11.69 20.14
N GLN A 303 8.76 -11.46 19.11
CA GLN A 303 8.47 -12.45 18.09
C GLN A 303 8.97 -11.91 16.79
N TYR A 304 9.76 -12.73 16.07
CA TYR A 304 10.34 -12.39 14.78
C TYR A 304 9.24 -11.88 13.84
N LEU A 305 9.38 -10.65 13.34
CA LEU A 305 8.40 -10.01 12.47
C LEU A 305 8.80 -10.24 11.00
N HIS A 306 8.05 -11.08 10.35
CA HIS A 306 8.28 -11.51 8.96
C HIS A 306 7.41 -10.63 8.03
N TYR A 307 8.05 -9.68 7.33
CA TYR A 307 7.35 -8.78 6.41
C TYR A 307 7.19 -9.47 5.04
N HIS A 308 5.96 -9.78 4.66
CA HIS A 308 5.63 -10.36 3.36
C HIS A 308 5.16 -9.18 2.49
N ARG A 309 5.69 -9.02 1.30
CA ARG A 309 5.46 -7.83 0.48
C ARG A 309 4.50 -8.06 -0.71
N ALA A 310 3.57 -9.04 -0.63
CA ALA A 310 2.60 -9.26 -1.72
C ALA A 310 2.00 -7.96 -2.23
N GLY A 311 2.00 -7.77 -3.54
CA GLY A 311 1.42 -6.57 -4.12
C GLY A 311 2.41 -5.51 -4.55
N HIS A 312 3.62 -5.55 -3.95
CA HIS A 312 4.65 -4.55 -4.16
C HIS A 312 5.02 -4.33 -5.62
N GLY A 313 4.95 -5.38 -6.43
CA GLY A 313 5.33 -5.34 -7.85
C GLY A 313 4.56 -4.30 -8.66
N ALA A 314 3.36 -3.90 -8.19
CA ALA A 314 2.59 -2.86 -8.85
C ALA A 314 3.40 -1.58 -8.97
N VAL A 315 4.31 -1.30 -8.01
CA VAL A 315 5.17 -0.12 -8.09
C VAL A 315 6.64 -0.48 -8.25
N THR A 316 7.12 -1.54 -7.62
CA THR A 316 8.56 -1.82 -7.63
C THR A 316 9.08 -2.42 -8.93
N SER A 317 8.20 -3.01 -9.76
CA SER A 317 8.66 -3.57 -11.00
C SER A 317 9.50 -2.58 -11.79
N PRO A 318 10.60 -3.02 -12.44
CA PRO A 318 11.32 -2.12 -13.36
C PRO A 318 10.43 -1.59 -14.50
N GLN A 319 9.33 -2.32 -14.83
CA GLN A 319 8.33 -1.89 -15.83
C GLN A 319 7.57 -0.64 -15.33
N SER A 320 7.49 -0.44 -14.02
CA SER A 320 6.85 0.75 -13.49
C SER A 320 7.85 1.90 -13.40
N LYS A 321 7.41 3.09 -13.82
CA LYS A 321 8.21 4.29 -13.73
C LYS A 321 7.69 5.19 -12.59
N ARG A 322 6.83 4.64 -11.70
CA ARG A 322 6.24 5.38 -10.60
C ARG A 322 6.48 4.72 -9.25
N GLY A 323 6.19 5.46 -8.18
CA GLY A 323 6.30 4.97 -6.81
C GLY A 323 7.71 4.85 -6.30
N TYR A 324 8.14 3.62 -5.97
CA TYR A 324 9.48 3.43 -5.44
C TYR A 324 9.93 2.01 -5.77
N THR A 325 11.22 1.78 -5.72
CA THR A 325 11.84 0.48 -6.04
C THR A 325 11.76 -0.46 -4.84
N ALA A 326 12.13 -1.74 -5.05
CA ALA A 326 12.21 -2.75 -3.98
C ALA A 326 13.33 -2.40 -2.99
N PHE A 327 14.38 -1.71 -3.46
CA PHE A 327 15.45 -1.27 -2.58
C PHE A 327 14.87 -0.29 -1.55
N VAL A 328 14.07 0.68 -2.00
CA VAL A 328 13.46 1.68 -1.12
C VAL A 328 12.47 0.98 -0.14
N LEU A 329 11.65 0.06 -0.65
CA LEU A 329 10.71 -0.69 0.18
C LEU A 329 11.43 -1.42 1.31
N SER A 330 12.52 -2.11 0.98
CA SER A 330 13.27 -2.90 1.95
C SER A 330 13.94 -2.00 2.99
N LYS A 331 14.53 -0.88 2.56
CA LYS A 331 15.20 0.03 3.48
C LYS A 331 14.16 0.64 4.48
N MET A 332 12.95 0.98 4.01
CA MET A 332 11.90 1.46 4.90
C MET A 332 11.54 0.37 5.91
N ALA A 333 11.40 -0.88 5.44
CA ALA A 333 10.99 -2.00 6.32
C ALA A 333 11.95 -2.17 7.52
N ARG A 334 13.25 -1.99 7.30
CA ARG A 334 14.22 -2.06 8.40
C ARG A 334 13.89 -0.98 9.44
N LEU A 335 13.65 0.24 8.99
CA LEU A 335 13.24 1.33 9.89
C LEU A 335 11.92 0.97 10.64
N GLN A 336 10.96 0.38 9.93
CA GLN A 336 9.67 0.00 10.53
C GLN A 336 9.79 -1.09 11.59
N GLY A 337 10.85 -1.89 11.50
CA GLY A 337 11.15 -2.92 12.45
C GLY A 337 10.88 -4.32 12.01
N ALA A 338 10.81 -4.54 10.72
CA ALA A 338 10.74 -5.88 10.21
C ALA A 338 11.99 -6.65 10.65
N SER A 339 11.81 -7.87 11.14
CA SER A 339 12.93 -8.75 11.50
C SER A 339 13.49 -9.34 10.24
N GLY A 340 12.60 -9.56 9.28
CA GLY A 340 12.96 -10.05 7.97
C GLY A 340 12.01 -9.53 6.93
N ILE A 341 12.48 -9.42 5.69
CA ILE A 341 11.64 -9.00 4.58
C ILE A 341 12.05 -9.77 3.35
N HIS A 342 11.07 -10.07 2.53
CA HIS A 342 11.27 -10.71 1.24
C HIS A 342 12.00 -9.72 0.34
N THR A 343 13.20 -10.07 -0.15
CA THR A 343 13.99 -9.20 -1.03
C THR A 343 14.04 -9.75 -2.45
N GLY A 344 13.36 -10.87 -2.68
CA GLY A 344 13.31 -11.51 -3.97
C GLY A 344 14.48 -12.42 -4.20
N THR A 345 14.48 -13.13 -5.34
CA THR A 345 15.49 -14.11 -5.70
C THR A 345 16.60 -13.52 -6.54
N MET A 346 16.60 -12.20 -6.79
CA MET A 346 17.69 -11.52 -7.49
C MET A 346 17.92 -12.13 -8.89
N GLY A 347 16.81 -12.44 -9.57
CA GLY A 347 16.78 -13.01 -10.90
C GLY A 347 16.88 -14.52 -10.97
N PHE A 348 17.09 -15.22 -9.84
CA PHE A 348 17.27 -16.67 -9.85
C PHE A 348 15.96 -17.49 -9.73
N GLY A 349 14.83 -16.84 -9.45
CA GLY A 349 13.54 -17.47 -9.30
C GLY A 349 12.49 -17.07 -10.31
N LYS A 350 11.20 -17.23 -9.92
CA LYS A 350 10.05 -17.00 -10.82
C LYS A 350 9.57 -15.56 -10.87
N MET A 351 9.96 -14.71 -9.92
CA MET A 351 9.47 -13.32 -9.86
C MET A 351 10.47 -12.38 -10.52
N GLU A 352 10.07 -11.13 -10.81
CA GLU A 352 10.97 -10.15 -11.40
C GLU A 352 12.05 -9.80 -10.40
N GLY A 353 13.29 -9.83 -10.82
CA GLY A 353 14.45 -9.53 -9.98
C GLY A 353 15.70 -9.50 -10.82
N GLU A 354 16.78 -8.91 -10.30
CA GLU A 354 18.07 -8.79 -11.03
C GLU A 354 19.19 -9.13 -10.09
N ALA A 355 20.31 -9.61 -10.63
CA ALA A 355 21.50 -9.94 -9.82
C ALA A 355 21.96 -8.77 -8.93
N ALA A 356 21.87 -7.52 -9.42
CA ALA A 356 22.30 -6.32 -8.67
C ALA A 356 21.45 -6.09 -7.39
N ASP A 357 20.31 -6.81 -7.24
CA ASP A 357 19.46 -6.73 -6.05
C ASP A 357 20.20 -7.24 -4.79
N ARG A 358 21.44 -7.83 -4.92
CA ARG A 358 22.26 -8.20 -3.77
C ARG A 358 22.52 -6.96 -2.91
N ALA A 359 22.54 -5.72 -3.53
CA ALA A 359 22.75 -4.49 -2.77
C ALA A 359 21.60 -4.26 -1.76
N ILE A 360 20.38 -4.76 -2.06
CA ILE A 360 19.23 -4.67 -1.14
C ILE A 360 19.54 -5.44 0.12
N ALA A 361 20.02 -6.69 -0.03
CA ALA A 361 20.37 -7.53 1.12
C ALA A 361 21.44 -6.88 1.98
N TYR A 362 22.48 -6.29 1.38
CA TYR A 362 23.50 -5.68 2.22
C TYR A 362 22.98 -4.40 2.90
N MET A 363 22.12 -3.63 2.27
CA MET A 363 21.57 -2.41 2.92
C MET A 363 20.76 -2.74 4.19
N ILE A 364 20.11 -3.92 4.20
CA ILE A 364 19.29 -4.27 5.35
C ILE A 364 20.08 -5.07 6.40
N THR A 365 21.19 -5.73 6.06
CA THR A 365 21.94 -6.51 7.07
C THR A 365 23.12 -5.77 7.65
N GLU A 366 23.77 -4.88 6.90
CA GLU A 366 25.00 -4.26 7.37
C GLU A 366 24.78 -2.99 8.17
N ASP A 367 25.82 -2.58 8.94
CA ASP A 367 25.75 -1.35 9.74
C ASP A 367 26.07 -0.12 8.89
N ALA A 368 26.77 -0.35 7.78
CA ALA A 368 27.11 0.67 6.82
C ALA A 368 26.98 0.08 5.43
N ALA A 369 26.31 0.78 4.51
CA ALA A 369 26.09 0.24 3.19
C ALA A 369 25.78 1.34 2.21
N ASP A 370 25.95 1.04 0.92
CA ASP A 370 25.69 1.94 -0.18
C ASP A 370 24.44 1.55 -0.98
N GLY A 371 23.57 2.53 -1.19
CA GLY A 371 22.43 2.39 -2.08
C GLY A 371 22.88 2.92 -3.42
N PRO A 372 21.99 2.97 -4.43
CA PRO A 372 22.40 3.51 -5.74
C PRO A 372 22.88 4.95 -5.68
N TYR A 373 22.42 5.77 -4.73
CA TYR A 373 22.80 7.19 -4.63
C TYR A 373 23.38 7.61 -3.28
N PHE A 374 22.98 6.97 -2.16
CA PHE A 374 23.40 7.38 -0.82
C PHE A 374 24.05 6.27 0.00
N HIS A 375 25.11 6.66 0.71
CA HIS A 375 25.72 5.84 1.74
C HIS A 375 24.83 5.95 2.97
N GLN A 376 24.65 4.87 3.71
CA GLN A 376 23.85 4.91 4.93
C GLN A 376 24.59 4.28 6.07
N GLU A 377 24.72 5.01 7.19
CA GLU A 377 25.19 4.49 8.47
C GLU A 377 23.94 4.17 9.25
N TRP A 378 23.84 2.94 9.79
CA TRP A 378 22.66 2.52 10.54
C TRP A 378 22.80 2.74 12.05
N LEU A 379 23.96 3.20 12.54
CA LEU A 379 24.17 3.52 13.96
C LEU A 379 23.75 2.38 14.93
N GLY A 380 24.05 1.14 14.56
CA GLY A 380 23.75 0.00 15.41
C GLY A 380 22.34 -0.48 15.35
N MET A 381 21.48 0.11 14.49
CA MET A 381 20.10 -0.38 14.36
C MET A 381 20.19 -1.81 13.91
N ASN A 382 19.34 -2.65 14.46
CA ASN A 382 19.39 -4.07 14.16
C ASN A 382 19.19 -4.37 12.69
N PRO A 383 19.82 -5.44 12.22
CA PRO A 383 19.62 -5.85 10.83
C PRO A 383 18.23 -6.47 10.59
N THR A 384 17.81 -6.49 9.32
CA THR A 384 16.61 -7.15 8.84
C THR A 384 17.11 -8.26 7.92
N THR A 385 16.63 -9.48 8.12
CA THR A 385 17.05 -10.63 7.29
C THR A 385 16.49 -10.53 5.87
N PRO A 386 17.32 -10.76 4.85
CA PRO A 386 16.78 -10.92 3.50
C PRO A 386 16.14 -12.33 3.42
N ILE A 387 14.82 -12.45 3.24
CA ILE A 387 14.10 -13.73 3.15
C ILE A 387 13.98 -14.02 1.66
N ILE A 388 14.53 -15.12 1.22
CA ILE A 388 14.62 -15.44 -0.19
C ILE A 388 13.52 -16.41 -0.54
N SER A 389 12.73 -16.05 -1.54
CA SER A 389 11.57 -16.84 -1.90
C SER A 389 11.02 -16.47 -3.26
N GLY A 390 10.36 -17.45 -3.91
CA GLY A 390 9.69 -17.27 -5.20
C GLY A 390 10.32 -18.10 -6.28
N GLY A 391 9.81 -19.33 -6.46
CA GLY A 391 10.30 -20.23 -7.50
C GLY A 391 11.68 -20.78 -7.23
N MET A 392 12.07 -20.88 -5.95
CA MET A 392 13.38 -21.46 -5.62
C MET A 392 13.28 -22.96 -5.44
N ASN A 393 14.40 -23.64 -5.67
CA ASN A 393 14.51 -25.07 -5.46
C ASN A 393 15.97 -25.37 -5.30
N ALA A 394 16.28 -26.61 -4.92
CA ALA A 394 17.67 -27.05 -4.71
C ALA A 394 18.62 -26.73 -5.89
N LEU A 395 18.15 -26.86 -7.15
CA LEU A 395 19.01 -26.62 -8.31
C LEU A 395 19.40 -25.15 -8.51
N ARG A 396 18.46 -24.24 -8.24
CA ARG A 396 18.70 -22.80 -8.41
C ARG A 396 19.51 -22.18 -7.26
N MET A 397 19.67 -22.87 -6.12
CA MET A 397 20.32 -22.30 -4.93
C MET A 397 21.83 -22.01 -5.04
N PRO A 398 22.71 -22.92 -5.51
CA PRO A 398 24.14 -22.59 -5.57
C PRO A 398 24.45 -21.32 -6.37
N GLY A 399 23.74 -21.09 -7.47
CA GLY A 399 23.89 -19.89 -8.29
C GLY A 399 23.43 -18.64 -7.54
N PHE A 400 22.33 -18.75 -6.79
CA PHE A 400 21.84 -17.64 -5.98
C PHE A 400 22.89 -17.22 -4.93
N PHE A 401 23.43 -18.19 -4.18
CA PHE A 401 24.40 -17.89 -3.14
C PHE A 401 25.70 -17.33 -3.71
N ASP A 402 26.16 -17.81 -4.88
CA ASP A 402 27.35 -17.23 -5.52
C ASP A 402 27.15 -15.73 -5.77
N ASN A 403 25.98 -15.36 -6.26
CA ASN A 403 25.68 -13.95 -6.51
C ASN A 403 25.61 -13.14 -5.22
N LEU A 404 24.98 -13.66 -4.14
CA LEU A 404 24.85 -12.92 -2.89
C LEU A 404 26.16 -12.85 -2.07
N GLY A 405 26.81 -13.98 -1.87
CA GLY A 405 28.06 -14.05 -1.11
C GLY A 405 27.98 -14.67 0.28
N HIS A 406 26.77 -14.98 0.76
CA HIS A 406 26.60 -15.61 2.06
C HIS A 406 25.28 -16.37 2.09
N SER A 407 25.09 -17.18 3.14
CA SER A 407 23.86 -17.94 3.36
C SER A 407 23.31 -17.70 4.80
N ASN A 408 23.56 -16.51 5.40
CA ASN A 408 23.05 -16.16 6.74
C ASN A 408 21.68 -15.56 6.51
N LEU A 409 20.72 -16.41 6.16
CA LEU A 409 19.39 -15.97 5.77
C LEU A 409 18.39 -17.13 5.83
N ILE A 410 17.14 -16.77 5.60
CA ILE A 410 16.03 -17.73 5.49
C ILE A 410 15.67 -17.85 4.02
N MET A 411 15.52 -19.08 3.51
CA MET A 411 15.01 -19.26 2.17
C MET A 411 13.83 -20.16 2.28
N THR A 412 12.72 -19.77 1.67
CA THR A 412 11.51 -20.58 1.66
C THR A 412 11.25 -21.04 0.22
N ALA A 413 11.07 -22.36 0.02
CA ALA A 413 10.75 -22.98 -1.28
C ALA A 413 9.54 -23.87 -1.12
N GLY A 414 8.39 -23.38 -1.57
CA GLY A 414 7.11 -24.07 -1.50
C GLY A 414 7.07 -25.13 -2.57
N GLY A 415 7.03 -24.69 -3.83
CA GLY A 415 7.07 -25.59 -4.96
C GLY A 415 8.33 -26.43 -4.94
N GLY A 416 9.45 -25.81 -4.59
CA GLY A 416 10.72 -26.52 -4.50
C GLY A 416 10.83 -27.62 -3.45
N ALA A 417 9.94 -27.67 -2.45
CA ALA A 417 9.94 -28.71 -1.41
C ALA A 417 8.83 -29.71 -1.66
N PHE A 418 7.57 -29.23 -1.69
CA PHE A 418 6.39 -30.09 -1.86
C PHE A 418 6.23 -30.58 -3.31
N GLY A 419 6.96 -29.99 -4.28
CA GLY A 419 6.96 -30.42 -5.66
C GLY A 419 8.06 -31.43 -5.91
N HIS A 420 8.91 -31.74 -4.89
CA HIS A 420 9.97 -32.76 -5.02
C HIS A 420 9.30 -34.14 -5.27
N VAL A 421 9.85 -34.94 -6.19
CA VAL A 421 9.28 -36.24 -6.58
C VAL A 421 9.05 -37.20 -5.37
N ASP A 422 9.85 -37.10 -4.29
CA ASP A 422 9.73 -38.00 -3.14
C ASP A 422 9.03 -37.38 -1.92
N GLY A 423 8.42 -36.20 -2.08
CA GLY A 423 7.69 -35.55 -1.00
C GLY A 423 8.43 -34.44 -0.26
N GLY A 424 7.66 -33.70 0.54
CA GLY A 424 8.14 -32.55 1.33
C GLY A 424 9.35 -32.78 2.23
N ALA A 425 9.47 -33.95 2.86
CA ALA A 425 10.64 -34.25 3.72
C ALA A 425 11.93 -34.34 2.86
N ALA A 426 11.85 -35.03 1.71
CA ALA A 426 12.95 -35.15 0.73
C ALA A 426 13.24 -33.80 0.12
N GLY A 427 12.18 -33.05 -0.17
CA GLY A 427 12.28 -31.67 -0.65
C GLY A 427 13.04 -30.80 0.31
N ALA A 428 12.75 -30.92 1.63
CA ALA A 428 13.48 -30.15 2.67
C ALA A 428 14.98 -30.52 2.71
N LYS A 429 15.31 -31.82 2.64
CA LYS A 429 16.71 -32.26 2.65
C LYS A 429 17.44 -31.80 1.37
N SER A 430 16.72 -31.64 0.23
CA SER A 430 17.37 -31.20 -1.02
C SER A 430 17.83 -29.73 -0.88
N LEU A 431 17.04 -28.93 -0.15
CA LEU A 431 17.34 -27.53 0.13
C LEU A 431 18.52 -27.47 1.10
N ARG A 432 18.50 -28.29 2.16
CA ARG A 432 19.63 -28.39 3.11
C ARG A 432 20.91 -28.75 2.40
N GLN A 433 20.84 -29.83 1.62
CA GLN A 433 21.97 -30.37 0.87
C GLN A 433 22.46 -29.36 -0.19
N ALA A 434 21.54 -28.62 -0.85
CA ALA A 434 21.94 -27.63 -1.86
C ALA A 434 22.82 -26.53 -1.24
N GLU A 435 22.50 -26.05 -0.03
CA GLU A 435 23.33 -25.02 0.61
C GLU A 435 24.64 -25.63 1.12
N GLN A 436 24.62 -26.88 1.63
CA GLN A 436 25.85 -27.57 2.06
C GLN A 436 26.81 -27.73 0.88
N CYS A 437 26.26 -27.94 -0.35
CA CYS A 437 27.05 -28.08 -1.58
C CYS A 437 27.75 -26.75 -1.89
N TRP A 438 27.02 -25.64 -1.78
CA TRP A 438 27.57 -24.30 -2.04
C TRP A 438 28.64 -23.93 -1.01
N LYS A 439 28.39 -24.20 0.27
CA LYS A 439 29.35 -23.85 1.32
C LYS A 439 30.64 -24.65 1.19
N GLN A 440 30.55 -25.88 0.66
CA GLN A 440 31.72 -26.74 0.44
C GLN A 440 32.47 -26.39 -0.85
N GLY A 441 31.86 -25.57 -1.72
CA GLY A 441 32.45 -25.18 -3.01
C GLY A 441 32.47 -26.34 -3.99
N ALA A 442 31.54 -27.30 -3.84
CA ALA A 442 31.45 -28.49 -4.66
C ALA A 442 30.68 -28.25 -5.94
N ASP A 443 30.92 -29.08 -6.95
CA ASP A 443 30.18 -29.00 -8.22
C ASP A 443 28.81 -29.65 -7.98
N PRO A 444 27.67 -28.95 -8.17
CA PRO A 444 26.36 -29.56 -7.84
C PRO A 444 26.10 -30.95 -8.46
N VAL A 445 26.48 -31.18 -9.74
CA VAL A 445 26.22 -32.47 -10.37
C VAL A 445 27.07 -33.57 -9.70
N GLU A 446 28.35 -33.28 -9.40
CA GLU A 446 29.22 -34.27 -8.74
C GLU A 446 28.72 -34.55 -7.31
N PHE A 447 28.33 -33.51 -6.60
CA PHE A 447 27.80 -33.60 -5.23
C PHE A 447 26.51 -34.44 -5.15
N ALA A 448 25.68 -34.40 -6.21
CA ALA A 448 24.39 -35.11 -6.24
C ALA A 448 24.52 -36.64 -6.16
N LYS A 449 25.63 -37.22 -6.62
CA LYS A 449 25.82 -38.68 -6.55
C LYS A 449 25.86 -39.22 -5.11
N ASP A 450 26.23 -38.38 -4.11
CA ASP A 450 26.31 -38.76 -2.70
C ASP A 450 25.13 -38.29 -1.88
N HIS A 451 24.22 -37.52 -2.51
CA HIS A 451 23.10 -36.93 -1.80
C HIS A 451 21.83 -37.20 -2.61
N ARG A 452 21.13 -38.28 -2.23
CA ARG A 452 19.93 -38.81 -2.89
C ARG A 452 18.81 -37.76 -3.03
N GLU A 453 18.51 -37.04 -1.97
CA GLU A 453 17.43 -36.04 -2.01
C GLU A 453 17.78 -34.88 -2.96
N PHE A 454 19.05 -34.41 -2.95
CA PHE A 454 19.53 -33.37 -3.88
C PHE A 454 19.47 -33.88 -5.34
N ALA A 455 19.92 -35.13 -5.59
CA ALA A 455 19.88 -35.72 -6.93
C ALA A 455 18.46 -35.87 -7.44
N ARG A 456 17.53 -36.24 -6.57
CA ARG A 456 16.14 -36.41 -6.96
C ARG A 456 15.43 -35.06 -7.27
N ALA A 457 16.02 -33.92 -6.87
CA ALA A 457 15.51 -32.60 -7.26
C ALA A 457 15.78 -32.35 -8.76
N PHE A 458 16.85 -32.95 -9.32
CA PHE A 458 17.16 -32.86 -10.75
C PHE A 458 16.02 -33.47 -11.58
N GLU A 459 15.53 -34.65 -11.15
CA GLU A 459 14.42 -35.36 -11.80
C GLU A 459 13.05 -34.71 -11.48
N SER A 460 12.95 -33.93 -10.37
CA SER A 460 11.71 -33.24 -9.97
C SER A 460 11.46 -32.02 -10.84
N PHE A 461 12.54 -31.30 -11.22
CA PHE A 461 12.47 -30.04 -12.00
C PHE A 461 13.42 -30.19 -13.20
N PRO A 462 13.07 -31.10 -14.14
CA PRO A 462 14.00 -31.42 -15.24
C PRO A 462 14.28 -30.28 -16.23
N GLN A 463 13.35 -29.32 -16.40
CA GLN A 463 13.61 -28.19 -17.31
C GLN A 463 14.71 -27.30 -16.72
N ASP A 464 14.64 -27.06 -15.38
CA ASP A 464 15.65 -26.29 -14.65
C ASP A 464 17.01 -27.00 -14.72
N ALA A 465 17.02 -28.32 -14.50
CA ALA A 465 18.26 -29.14 -14.58
C ALA A 465 18.86 -29.10 -15.99
N ASP A 466 18.03 -29.14 -17.05
CA ASP A 466 18.55 -29.07 -18.42
C ASP A 466 19.24 -27.72 -18.71
N LYS A 467 18.79 -26.63 -18.10
CA LYS A 467 19.35 -25.29 -18.34
C LYS A 467 20.57 -25.03 -17.47
N LEU A 468 20.50 -25.37 -16.18
CA LEU A 468 21.58 -25.11 -15.23
C LEU A 468 22.71 -26.13 -15.30
N TYR A 469 22.40 -27.42 -15.56
CA TYR A 469 23.39 -28.51 -15.62
C TYR A 469 23.15 -29.37 -16.86
N PRO A 470 23.52 -28.87 -18.05
CA PRO A 470 23.20 -29.57 -19.32
C PRO A 470 23.48 -31.07 -19.47
N ASN A 471 24.48 -31.65 -18.78
CA ASN A 471 24.80 -33.08 -18.93
C ASN A 471 24.42 -33.91 -17.70
N TRP A 472 23.45 -33.43 -16.90
CA TRP A 472 23.04 -34.08 -15.65
C TRP A 472 22.51 -35.52 -15.80
N ARG A 473 21.75 -35.83 -16.88
CA ARG A 473 21.19 -37.17 -17.03
C ARG A 473 22.28 -38.18 -17.21
N ALA A 474 23.24 -37.90 -18.11
CA ALA A 474 24.36 -38.80 -18.32
C ALA A 474 25.25 -38.89 -17.07
N LYS A 475 25.56 -37.74 -16.44
CA LYS A 475 26.39 -37.66 -15.24
C LYS A 475 25.78 -38.35 -13.99
N LEU A 476 24.45 -38.31 -13.78
CA LEU A 476 23.84 -38.96 -12.61
C LEU A 476 23.34 -40.39 -12.94
N GLY A 477 23.50 -40.81 -14.18
CA GLY A 477 23.07 -42.13 -14.63
C GLY A 477 21.57 -42.34 -14.69
N VAL A 478 20.79 -41.28 -14.99
CA VAL A 478 19.33 -41.41 -15.14
C VAL A 478 19.01 -41.49 -16.67
N GLU A 479 17.91 -42.16 -17.05
CA GLU A 479 17.49 -42.33 -18.47
C GLU A 479 16.71 -41.07 -19.03
N ASP A 480 15.80 -41.28 -20.02
CA ASP A 480 14.97 -40.30 -20.75
C ASP A 480 15.87 -39.51 -21.75
N THR A 481 15.95 -38.15 -21.66
CA THR A 481 16.80 -37.32 -22.54
C THR A 481 18.29 -37.59 -22.27
N MET B 21 5.52 -24.58 -16.80
CA MET B 21 4.37 -25.47 -16.70
C MET B 21 3.10 -24.83 -17.28
N ASP B 22 2.32 -25.60 -18.07
CA ASP B 22 1.05 -25.15 -18.68
C ASP B 22 -0.10 -25.51 -17.70
N GLN B 23 -0.66 -24.51 -16.98
CA GLN B 23 -1.72 -24.76 -15.98
C GLN B 23 -3.13 -24.38 -16.48
N SER B 24 -3.32 -24.38 -17.80
CA SER B 24 -4.58 -24.02 -18.48
C SER B 24 -5.73 -24.96 -18.13
N ASN B 25 -5.51 -26.28 -18.09
CA ASN B 25 -6.59 -27.23 -17.89
C ASN B 25 -7.23 -27.05 -16.54
N ARG B 26 -6.41 -26.90 -15.49
CA ARG B 26 -6.90 -26.73 -14.13
C ARG B 26 -7.47 -25.32 -13.83
N TYR B 27 -6.72 -24.26 -14.12
CA TYR B 27 -7.08 -22.88 -13.75
C TYR B 27 -7.85 -22.08 -14.81
N ALA B 28 -8.19 -22.66 -15.96
CA ALA B 28 -9.01 -21.96 -16.94
C ALA B 28 -10.24 -22.78 -17.23
N ASN B 29 -11.45 -22.18 -17.16
CA ASN B 29 -12.70 -22.80 -17.60
C ASN B 29 -13.49 -21.73 -18.33
N LEU B 30 -13.20 -21.57 -19.64
CA LEU B 30 -13.88 -20.54 -20.43
C LEU B 30 -15.32 -20.95 -20.80
N ASN B 31 -15.78 -22.17 -20.42
CA ASN B 31 -17.17 -22.56 -20.61
C ASN B 31 -18.05 -21.99 -19.53
N LEU B 32 -17.49 -21.44 -18.44
CA LEU B 32 -18.33 -20.83 -17.40
C LEU B 32 -18.99 -19.57 -17.93
N LYS B 33 -20.28 -19.38 -17.63
CA LYS B 33 -21.01 -18.19 -18.03
C LYS B 33 -20.99 -17.19 -16.90
N GLU B 34 -20.59 -15.96 -17.21
CA GLU B 34 -20.55 -14.90 -16.23
C GLU B 34 -21.90 -14.71 -15.55
N SER B 35 -23.02 -14.75 -16.31
CA SER B 35 -24.32 -14.55 -15.67
C SER B 35 -24.61 -15.60 -14.59
N GLU B 36 -24.18 -16.86 -14.81
CA GLU B 36 -24.37 -17.97 -13.86
C GLU B 36 -23.46 -17.84 -12.66
N LEU B 37 -22.22 -17.37 -12.87
CA LEU B 37 -21.32 -17.13 -11.75
C LEU B 37 -21.87 -16.02 -10.86
N ILE B 38 -22.46 -14.97 -11.46
CA ILE B 38 -23.08 -13.89 -10.68
C ILE B 38 -24.33 -14.47 -9.96
N ALA B 39 -25.21 -15.20 -10.69
CA ALA B 39 -26.43 -15.77 -10.12
C ALA B 39 -26.13 -16.73 -8.96
N GLY B 40 -25.07 -17.52 -9.08
CA GLY B 40 -24.65 -18.45 -8.03
C GLY B 40 -24.28 -17.76 -6.72
N GLY B 41 -23.72 -16.57 -6.81
CA GLY B 41 -23.33 -15.77 -5.64
C GLY B 41 -22.23 -16.35 -4.77
N ARG B 42 -21.40 -17.24 -5.34
CA ARG B 42 -20.32 -17.94 -4.63
C ARG B 42 -18.94 -17.46 -5.08
N HIS B 43 -18.85 -16.45 -5.97
CA HIS B 43 -17.56 -16.01 -6.48
C HIS B 43 -17.41 -14.53 -6.54
N VAL B 44 -16.20 -14.07 -6.22
CA VAL B 44 -15.77 -12.70 -6.48
C VAL B 44 -15.23 -12.71 -7.91
N LEU B 45 -15.56 -11.71 -8.72
CA LEU B 45 -15.03 -11.68 -10.10
C LEU B 45 -14.11 -10.49 -10.23
N CYS B 46 -13.00 -10.64 -10.97
CA CYS B 46 -12.06 -9.53 -11.20
C CYS B 46 -11.78 -9.48 -12.69
N ALA B 47 -11.72 -8.28 -13.24
CA ALA B 47 -11.40 -8.02 -14.63
C ALA B 47 -10.10 -7.26 -14.68
N TYR B 48 -9.14 -7.79 -15.44
CA TYR B 48 -7.80 -7.22 -15.60
C TYR B 48 -7.45 -6.97 -17.04
N ILE B 49 -6.63 -5.94 -17.27
CA ILE B 49 -5.98 -5.68 -18.56
C ILE B 49 -4.56 -6.21 -18.37
N MET B 50 -4.20 -7.30 -19.10
CA MET B 50 -2.94 -8.03 -18.90
C MET B 50 -2.20 -8.28 -20.18
N LYS B 51 -0.87 -8.23 -20.12
CA LYS B 51 -0.03 -8.57 -21.25
C LYS B 51 1.00 -9.59 -20.84
N PRO B 52 1.09 -10.75 -21.51
CA PRO B 52 2.18 -11.70 -21.17
C PRO B 52 3.55 -11.16 -21.57
N LYS B 53 4.58 -11.52 -20.83
CA LYS B 53 5.94 -11.11 -21.18
C LYS B 53 6.37 -11.89 -22.42
N ALA B 54 7.04 -11.23 -23.39
CA ALA B 54 7.46 -11.87 -24.63
C ALA B 54 8.44 -13.01 -24.35
N GLY B 55 8.28 -14.10 -25.10
CA GLY B 55 9.13 -15.28 -24.96
C GLY B 55 8.72 -16.27 -23.90
N PHE B 56 7.56 -16.09 -23.24
CA PHE B 56 7.04 -17.01 -22.21
C PHE B 56 5.77 -17.71 -22.77
N GLY B 57 4.68 -17.78 -22.02
CA GLY B 57 3.48 -18.47 -22.48
C GLY B 57 2.52 -17.60 -23.27
N ASN B 58 1.53 -18.27 -23.89
CA ASN B 58 0.47 -17.59 -24.63
C ASN B 58 -0.50 -16.91 -23.64
N PHE B 59 -1.53 -16.23 -24.15
CA PHE B 59 -2.44 -15.47 -23.30
C PHE B 59 -3.18 -16.33 -22.24
N ILE B 60 -3.74 -17.47 -22.66
CA ILE B 60 -4.50 -18.34 -21.76
C ILE B 60 -3.59 -19.00 -20.76
N GLN B 61 -2.41 -19.43 -21.20
CA GLN B 61 -1.45 -20.05 -20.27
C GLN B 61 -1.02 -19.06 -19.20
N THR B 62 -0.75 -17.81 -19.60
CA THR B 62 -0.34 -16.76 -18.66
C THR B 62 -1.50 -16.42 -17.71
N ALA B 63 -2.74 -16.34 -18.22
CA ALA B 63 -3.91 -16.06 -17.39
C ALA B 63 -4.14 -17.20 -16.39
N ALA B 64 -3.85 -18.46 -16.81
CA ALA B 64 -4.03 -19.61 -15.93
C ALA B 64 -2.99 -19.59 -14.80
N HIS B 65 -1.73 -19.30 -15.15
CA HIS B 65 -0.69 -19.23 -14.12
C HIS B 65 -0.99 -18.06 -13.15
N PHE B 66 -1.49 -16.94 -13.67
CA PHE B 66 -1.92 -15.79 -12.86
C PHE B 66 -3.02 -16.19 -11.85
N ALA B 67 -4.04 -16.94 -12.32
CA ALA B 67 -5.11 -17.42 -11.44
C ALA B 67 -4.54 -18.37 -10.39
N ALA B 68 -3.56 -19.23 -10.79
CA ALA B 68 -2.90 -20.14 -9.84
C ALA B 68 -2.18 -19.36 -8.72
N GLU B 69 -1.36 -18.36 -9.09
CA GLU B 69 -0.59 -17.55 -8.11
C GLU B 69 -1.48 -16.60 -7.30
N SER B 70 -2.75 -16.47 -7.67
CA SER B 70 -3.73 -15.63 -6.99
C SER B 70 -4.73 -16.49 -6.17
N SER B 71 -4.54 -17.82 -6.06
CA SER B 71 -5.48 -18.64 -5.29
C SER B 71 -4.84 -19.85 -4.60
N THR B 72 -4.64 -20.95 -5.30
CA THR B 72 -4.19 -22.19 -4.69
C THR B 72 -2.85 -22.73 -5.16
N GLY B 73 -2.24 -22.17 -6.19
CA GLY B 73 -1.03 -22.77 -6.75
C GLY B 73 0.23 -21.95 -6.64
N THR B 74 1.27 -22.53 -7.20
CA THR B 74 2.59 -21.94 -7.37
C THR B 74 2.95 -22.21 -8.86
N ASN B 75 4.24 -22.24 -9.22
CA ASN B 75 4.65 -22.41 -10.65
C ASN B 75 5.01 -23.86 -11.03
N VAL B 76 4.84 -24.82 -10.10
CA VAL B 76 5.09 -26.24 -10.32
C VAL B 76 4.00 -27.04 -9.63
N GLU B 77 3.84 -28.29 -10.03
CA GLU B 77 2.89 -29.21 -9.42
C GLU B 77 3.42 -29.62 -8.05
N VAL B 78 2.54 -29.76 -7.04
CA VAL B 78 2.94 -30.13 -5.67
C VAL B 78 2.17 -31.40 -5.25
N SER B 79 2.85 -32.28 -4.49
CA SER B 79 2.34 -33.56 -4.00
C SER B 79 1.15 -33.41 -3.03
N THR B 80 1.07 -32.28 -2.30
CA THR B 80 0.04 -32.04 -1.28
C THR B 80 -1.35 -31.65 -1.82
N THR B 81 -1.48 -31.28 -3.10
CA THR B 81 -2.78 -30.92 -3.69
C THR B 81 -3.80 -32.09 -3.62
N ASP B 82 -5.06 -31.78 -3.22
CA ASP B 82 -6.17 -32.75 -3.14
C ASP B 82 -7.37 -32.21 -3.94
N ASP B 83 -8.47 -32.98 -4.01
CA ASP B 83 -9.68 -32.59 -4.74
C ASP B 83 -10.34 -31.40 -4.09
N PHE B 84 -10.32 -31.35 -2.75
CA PHE B 84 -10.87 -30.24 -2.01
C PHE B 84 -10.19 -28.94 -2.47
N THR B 85 -8.85 -28.93 -2.60
CA THR B 85 -8.09 -27.74 -3.02
C THR B 85 -8.56 -27.31 -4.42
N ARG B 86 -8.73 -28.28 -5.33
CA ARG B 86 -9.15 -28.00 -6.71
C ARG B 86 -10.50 -27.27 -6.77
N GLY B 87 -11.39 -27.56 -5.83
CA GLY B 87 -12.69 -26.89 -5.74
C GLY B 87 -12.63 -25.42 -5.35
N VAL B 88 -11.51 -24.94 -4.75
CA VAL B 88 -11.38 -23.52 -4.39
C VAL B 88 -10.40 -22.80 -5.34
N ASP B 89 -9.98 -23.46 -6.42
CA ASP B 89 -9.15 -22.80 -7.45
C ASP B 89 -9.83 -21.54 -8.02
N ALA B 90 -9.07 -20.45 -8.23
CA ALA B 90 -9.57 -19.31 -8.97
C ALA B 90 -9.56 -19.74 -10.42
N LEU B 91 -10.56 -19.34 -11.22
CA LEU B 91 -10.65 -19.77 -12.60
C LEU B 91 -10.75 -18.64 -13.58
N VAL B 92 -10.00 -18.73 -14.66
CA VAL B 92 -10.13 -17.83 -15.79
C VAL B 92 -11.41 -18.27 -16.49
N TYR B 93 -12.43 -17.41 -16.56
CA TYR B 93 -13.70 -17.79 -17.19
C TYR B 93 -13.96 -17.00 -18.48
N GLU B 94 -13.20 -15.94 -18.75
CA GLU B 94 -13.38 -15.17 -19.97
C GLU B 94 -12.05 -14.51 -20.34
N VAL B 95 -11.69 -14.57 -21.63
CA VAL B 95 -10.51 -13.89 -22.16
C VAL B 95 -10.91 -13.15 -23.42
N ASP B 96 -10.27 -12.01 -23.68
CA ASP B 96 -10.40 -11.26 -24.92
C ASP B 96 -9.03 -10.72 -25.22
N GLU B 97 -8.18 -11.60 -25.79
CA GLU B 97 -6.78 -11.31 -26.07
C GLU B 97 -6.60 -10.05 -26.91
N ALA B 98 -7.47 -9.81 -27.90
CA ALA B 98 -7.39 -8.61 -28.76
C ALA B 98 -7.46 -7.30 -27.94
N ASN B 99 -8.21 -7.31 -26.82
CA ASN B 99 -8.34 -6.15 -25.94
C ASN B 99 -7.57 -6.34 -24.62
N SER B 100 -6.68 -7.36 -24.54
CA SER B 100 -5.82 -7.68 -23.40
C SER B 100 -6.63 -7.94 -22.14
N LEU B 101 -7.84 -8.47 -22.25
CA LEU B 101 -8.75 -8.65 -21.13
C LEU B 101 -8.77 -10.07 -20.65
N MET B 102 -8.75 -10.21 -19.33
CA MET B 102 -8.80 -11.47 -18.61
C MET B 102 -9.73 -11.27 -17.44
N LYS B 103 -10.69 -12.20 -17.25
CA LYS B 103 -11.61 -12.14 -16.11
C LYS B 103 -11.42 -13.41 -15.32
N ILE B 104 -11.28 -13.28 -13.98
CA ILE B 104 -11.04 -14.43 -13.10
C ILE B 104 -12.12 -14.48 -12.02
N ALA B 105 -12.59 -15.71 -11.71
CA ALA B 105 -13.59 -15.99 -10.69
C ALA B 105 -12.91 -16.59 -9.50
N TYR B 106 -13.04 -15.93 -8.34
CA TYR B 106 -12.45 -16.35 -7.07
C TYR B 106 -13.51 -16.93 -6.15
N PRO B 107 -13.51 -18.24 -5.88
CA PRO B 107 -14.46 -18.78 -4.88
C PRO B 107 -14.37 -17.99 -3.56
N ILE B 108 -15.50 -17.55 -3.03
CA ILE B 108 -15.48 -16.67 -1.88
C ILE B 108 -14.90 -17.32 -0.60
N GLU B 109 -14.83 -18.66 -0.52
CA GLU B 109 -14.21 -19.39 0.58
C GLU B 109 -12.67 -19.12 0.68
N LEU B 110 -12.04 -18.59 -0.37
CA LEU B 110 -10.63 -18.25 -0.34
C LEU B 110 -10.31 -17.09 0.59
N PHE B 111 -11.25 -16.15 0.76
CA PHE B 111 -10.97 -14.92 1.43
C PHE B 111 -10.95 -15.09 2.97
N ASP B 112 -9.92 -14.49 3.61
CA ASP B 112 -9.78 -14.53 5.07
C ASP B 112 -10.94 -13.78 5.77
N ARG B 113 -11.26 -14.23 6.97
CA ARG B 113 -12.29 -13.68 7.83
C ARG B 113 -11.74 -13.52 9.23
N ASN B 114 -12.20 -12.51 9.95
CA ASN B 114 -11.76 -12.34 11.34
C ASN B 114 -12.21 -13.44 12.29
N VAL B 115 -11.31 -13.91 13.11
CA VAL B 115 -11.61 -14.83 14.21
C VAL B 115 -12.56 -14.15 15.23
N ILE B 116 -12.33 -12.84 15.50
CA ILE B 116 -13.09 -12.15 16.54
C ILE B 116 -14.59 -11.93 16.17
N ASP B 117 -14.91 -11.66 14.90
CA ASP B 117 -16.28 -11.31 14.53
C ASP B 117 -16.79 -11.88 13.20
N GLY B 118 -16.02 -12.78 12.59
CA GLY B 118 -16.38 -13.41 11.32
C GLY B 118 -16.55 -12.50 10.13
N ARG B 119 -16.05 -11.27 10.21
CA ARG B 119 -16.22 -10.31 9.16
C ARG B 119 -15.04 -10.36 8.17
N ALA B 120 -15.25 -9.82 6.97
CA ALA B 120 -14.26 -9.81 5.92
C ALA B 120 -13.21 -8.75 6.18
N MET B 121 -12.09 -8.89 5.47
CA MET B 121 -10.97 -7.95 5.50
C MET B 121 -10.53 -7.68 4.09
N ILE B 122 -10.38 -6.40 3.74
CA ILE B 122 -9.94 -6.03 2.39
C ILE B 122 -8.49 -6.49 2.16
N ALA B 123 -7.66 -6.63 3.23
CA ALA B 123 -6.29 -7.09 3.06
C ALA B 123 -6.22 -8.42 2.33
N SER B 124 -7.13 -9.32 2.62
CA SER B 124 -7.16 -10.64 2.00
C SER B 124 -7.60 -10.55 0.54
N PHE B 125 -8.59 -9.72 0.26
CA PHE B 125 -9.02 -9.48 -1.12
C PHE B 125 -7.81 -8.97 -1.93
N LEU B 126 -7.06 -8.03 -1.35
CA LEU B 126 -5.89 -7.47 -2.05
C LEU B 126 -4.80 -8.50 -2.21
N THR B 127 -4.47 -9.23 -1.14
CA THR B 127 -3.37 -10.19 -1.22
C THR B 127 -3.62 -11.22 -2.32
N LEU B 128 -4.83 -11.72 -2.44
CA LEU B 128 -5.13 -12.73 -3.45
C LEU B 128 -5.30 -12.15 -4.85
N THR B 129 -6.11 -11.09 -5.01
CA THR B 129 -6.48 -10.63 -6.36
C THR B 129 -5.47 -9.67 -6.99
N ILE B 130 -4.59 -9.02 -6.21
CA ILE B 130 -3.61 -8.08 -6.78
C ILE B 130 -2.33 -8.06 -5.91
N GLY B 131 -1.92 -9.23 -5.44
CA GLY B 131 -0.76 -9.38 -4.57
C GLY B 131 0.45 -9.88 -5.31
N ASN B 132 0.84 -11.12 -5.05
CA ASN B 132 2.00 -11.74 -5.68
C ASN B 132 1.91 -11.78 -7.19
N ASN B 133 0.69 -11.77 -7.74
CA ASN B 133 0.54 -11.77 -9.19
C ASN B 133 1.17 -10.48 -9.87
N GLN B 134 1.47 -9.43 -9.07
CA GLN B 134 2.13 -8.21 -9.56
C GLN B 134 3.67 -8.33 -9.68
N GLY B 135 4.25 -9.46 -9.26
CA GLY B 135 5.69 -9.70 -9.40
C GLY B 135 6.06 -10.81 -10.35
N MET B 136 5.09 -11.48 -10.98
CA MET B 136 5.34 -12.61 -11.88
C MET B 136 6.33 -12.27 -13.02
N GLY B 137 7.39 -13.05 -13.14
CA GLY B 137 8.38 -12.85 -14.18
C GLY B 137 7.90 -13.08 -15.60
N ASP B 138 6.82 -13.88 -15.79
CA ASP B 138 6.25 -14.21 -17.12
C ASP B 138 5.10 -13.25 -17.54
N VAL B 139 4.79 -12.21 -16.74
CA VAL B 139 3.74 -11.25 -17.03
C VAL B 139 4.40 -9.89 -17.24
N GLU B 140 4.11 -9.21 -18.34
CA GLU B 140 4.67 -7.87 -18.55
C GLU B 140 3.99 -6.91 -17.58
N TYR B 141 2.68 -7.01 -17.50
CA TYR B 141 1.87 -6.21 -16.59
C TYR B 141 0.45 -6.75 -16.51
N ALA B 142 -0.23 -6.34 -15.47
CA ALA B 142 -1.64 -6.69 -15.21
C ALA B 142 -2.23 -5.71 -14.25
N LYS B 143 -3.35 -5.08 -14.61
CA LYS B 143 -4.01 -4.09 -13.78
C LYS B 143 -5.47 -4.41 -13.63
N MET B 144 -6.00 -4.34 -12.41
CA MET B 144 -7.41 -4.59 -12.16
C MET B 144 -8.25 -3.33 -12.47
N TYR B 145 -9.25 -3.49 -13.33
CA TYR B 145 -10.17 -2.43 -13.76
C TYR B 145 -11.54 -2.53 -13.10
N ASP B 146 -11.92 -3.72 -12.63
CA ASP B 146 -13.21 -3.87 -11.96
C ASP B 146 -13.24 -5.13 -11.17
N PHE B 147 -14.17 -5.18 -10.22
CA PHE B 147 -14.39 -6.38 -9.45
C PHE B 147 -15.88 -6.44 -9.02
N TYR B 148 -16.37 -7.66 -8.82
CA TYR B 148 -17.74 -7.93 -8.40
C TYR B 148 -17.71 -8.65 -7.08
N VAL B 149 -18.54 -8.19 -6.13
CA VAL B 149 -18.64 -8.80 -4.80
C VAL B 149 -20.07 -9.32 -4.65
N PRO B 150 -20.24 -10.65 -4.46
CA PRO B 150 -21.61 -11.18 -4.33
C PRO B 150 -22.17 -10.91 -2.93
N PRO B 151 -23.50 -11.00 -2.73
CA PRO B 151 -24.10 -10.71 -1.41
C PRO B 151 -23.47 -11.41 -0.19
N ALA B 152 -23.13 -12.70 -0.32
CA ALA B 152 -22.54 -13.48 0.80
C ALA B 152 -21.17 -12.95 1.27
N TYR B 153 -20.44 -12.21 0.41
CA TYR B 153 -19.16 -11.60 0.77
C TYR B 153 -19.33 -10.11 1.09
N LEU B 154 -20.13 -9.38 0.29
CA LEU B 154 -20.39 -7.96 0.53
C LEU B 154 -20.94 -7.73 1.94
N LYS B 155 -21.89 -8.58 2.38
CA LYS B 155 -22.52 -8.38 3.70
C LYS B 155 -21.52 -8.52 4.85
N LEU B 156 -20.35 -9.14 4.64
CA LEU B 156 -19.34 -9.30 5.69
C LEU B 156 -18.40 -8.09 5.82
N PHE B 157 -18.54 -7.06 4.98
CA PHE B 157 -17.71 -5.86 5.06
C PHE B 157 -18.36 -4.82 5.93
N ASP B 158 -17.52 -3.97 6.57
CA ASP B 158 -18.04 -2.95 7.48
C ASP B 158 -18.98 -1.96 6.79
N GLY B 159 -18.57 -1.46 5.63
CA GLY B 159 -19.30 -0.42 4.95
C GLY B 159 -19.29 0.86 5.77
N PRO B 160 -19.69 2.00 5.21
CA PRO B 160 -19.66 3.23 6.02
C PRO B 160 -20.69 3.27 7.16
N SER B 161 -20.30 3.81 8.33
CA SER B 161 -21.20 4.01 9.48
C SER B 161 -21.71 5.47 9.52
N THR B 162 -20.94 6.41 9.00
CA THR B 162 -21.28 7.84 8.95
C THR B 162 -21.22 8.23 7.51
N THR B 163 -22.14 9.13 7.04
CA THR B 163 -22.20 9.55 5.65
C THR B 163 -22.35 11.05 5.59
N ILE B 164 -22.51 11.59 4.37
CA ILE B 164 -22.78 13.02 4.20
C ILE B 164 -24.08 13.44 4.91
N LYS B 165 -25.08 12.52 5.05
CA LYS B 165 -26.33 12.81 5.75
C LYS B 165 -26.08 13.30 7.17
N ASP B 166 -25.05 12.77 7.82
CA ASP B 166 -24.67 13.16 9.19
C ASP B 166 -24.05 14.55 9.20
N LEU B 167 -23.31 14.92 8.16
CA LEU B 167 -22.76 16.29 8.04
C LEU B 167 -23.88 17.28 7.74
N TRP B 168 -24.79 16.93 6.80
CA TRP B 168 -25.94 17.77 6.49
C TRP B 168 -26.77 18.05 7.76
N ARG B 169 -26.96 17.01 8.62
CA ARG B 169 -27.72 17.18 9.86
C ARG B 169 -27.01 18.16 10.79
N VAL B 170 -25.67 18.08 10.92
CA VAL B 170 -24.92 19.03 11.76
C VAL B 170 -25.03 20.47 11.17
N LEU B 171 -24.99 20.58 9.84
CA LEU B 171 -25.13 21.88 9.15
C LEU B 171 -26.56 22.44 9.17
N GLY B 172 -27.55 21.65 9.56
CA GLY B 172 -28.94 22.09 9.56
C GLY B 172 -29.56 22.02 8.18
N ARG B 173 -28.97 21.21 7.29
CA ARG B 173 -29.48 21.04 5.93
C ARG B 173 -30.45 19.87 5.91
N PRO B 174 -31.30 19.75 4.88
CA PRO B 174 -32.12 18.53 4.79
C PRO B 174 -31.21 17.30 4.71
N VAL B 175 -31.59 16.20 5.35
CA VAL B 175 -30.75 14.99 5.34
C VAL B 175 -30.91 14.19 4.03
N ILE B 176 -31.84 14.59 3.16
CA ILE B 176 -32.01 14.02 1.82
C ILE B 176 -31.68 15.16 0.87
N ASN B 177 -30.69 14.98 -0.01
CA ASN B 177 -30.26 16.01 -0.97
C ASN B 177 -29.98 17.34 -0.28
N GLY B 178 -29.20 17.30 0.80
CA GLY B 178 -28.80 18.48 1.55
C GLY B 178 -27.87 19.42 0.82
N GLY B 179 -27.33 18.99 -0.30
CA GLY B 179 -26.57 19.86 -1.21
C GLY B 179 -25.09 19.97 -0.95
N PHE B 180 -24.52 21.02 -1.51
CA PHE B 180 -23.07 21.23 -1.56
C PHE B 180 -22.42 21.74 -0.25
N ILE B 181 -21.33 21.06 0.18
CA ILE B 181 -20.55 21.44 1.36
C ILE B 181 -19.30 22.18 0.83
N VAL B 182 -19.23 23.49 1.12
CA VAL B 182 -18.13 24.35 0.66
C VAL B 182 -16.92 24.12 1.55
N GLY B 183 -15.83 23.63 0.98
CA GLY B 183 -14.63 23.36 1.77
C GLY B 183 -13.33 23.92 1.23
N THR B 184 -12.30 23.80 2.07
CA THR B 184 -10.92 24.18 1.74
C THR B 184 -9.94 23.28 2.47
N ILE B 185 -8.68 23.45 2.14
CA ILE B 185 -7.52 22.81 2.77
C ILE B 185 -6.67 23.95 3.31
N ILE B 186 -6.13 23.80 4.53
CA ILE B 186 -5.29 24.84 5.13
C ILE B 186 -3.93 24.79 4.48
N LYS B 187 -3.62 25.77 3.67
CA LYS B 187 -2.33 25.91 3.02
C LYS B 187 -1.59 27.02 3.75
N PRO B 188 -0.25 27.00 3.87
CA PRO B 188 0.68 26.02 3.32
C PRO B 188 0.47 24.61 3.86
N LYS B 189 0.84 23.64 3.03
CA LYS B 189 0.71 22.22 3.35
C LYS B 189 1.38 21.92 4.70
N LEU B 190 2.51 22.55 4.98
CA LEU B 190 3.21 22.51 6.25
C LEU B 190 3.93 23.84 6.43
N GLY B 191 4.08 24.29 7.67
CA GLY B 191 4.79 25.52 7.97
C GLY B 191 4.03 26.44 8.89
N LEU B 192 2.69 26.42 8.86
CA LEU B 192 1.87 27.27 9.73
C LEU B 192 1.96 26.86 11.16
N ARG B 193 2.26 27.82 12.02
CA ARG B 193 2.30 27.56 13.44
C ARG B 193 0.83 27.51 13.96
N PRO B 194 0.59 27.06 15.21
CA PRO B 194 -0.81 26.89 15.67
C PRO B 194 -1.78 28.08 15.54
N GLN B 195 -1.42 29.29 15.96
CA GLN B 195 -2.37 30.44 15.89
C GLN B 195 -2.54 30.94 14.44
N PRO B 196 -1.47 31.17 13.63
CA PRO B 196 -1.69 31.49 12.21
C PRO B 196 -2.56 30.45 11.48
N PHE B 197 -2.39 29.18 11.78
CA PHE B 197 -3.23 28.14 11.19
C PHE B 197 -4.70 28.38 11.54
N ALA B 198 -4.99 28.52 12.86
CA ALA B 198 -6.36 28.72 13.37
C ALA B 198 -6.96 30.03 12.85
N ASN B 199 -6.14 31.07 12.66
CA ASN B 199 -6.62 32.34 12.09
C ASN B 199 -7.10 32.14 10.65
N ALA B 200 -6.38 31.30 9.86
CA ALA B 200 -6.80 30.99 8.47
C ALA B 200 -8.11 30.17 8.50
N CYS B 201 -8.30 29.30 9.50
CA CYS B 201 -9.57 28.55 9.65
C CYS B 201 -10.73 29.50 9.91
N TYR B 202 -10.53 30.41 10.87
CA TYR B 202 -11.58 31.38 11.20
C TYR B 202 -11.99 32.16 9.96
N ASP B 203 -11.02 32.70 9.19
CA ASP B 203 -11.28 33.50 7.99
C ASP B 203 -12.10 32.71 6.96
N PHE B 204 -11.69 31.50 6.63
CA PHE B 204 -12.45 30.70 5.66
C PHE B 204 -13.88 30.40 6.17
N TRP B 205 -14.00 30.02 7.45
CA TRP B 205 -15.30 29.69 8.03
C TRP B 205 -16.29 30.87 8.06
N LEU B 206 -15.82 32.12 7.89
CA LEU B 206 -16.75 33.25 7.75
C LEU B 206 -17.61 33.10 6.47
N GLY B 207 -17.09 32.40 5.46
CA GLY B 207 -17.80 32.14 4.21
C GLY B 207 -18.08 30.68 3.86
N GLY B 208 -17.32 29.76 4.43
CA GLY B 208 -17.43 28.34 4.09
C GLY B 208 -17.82 27.40 5.21
N ASP B 209 -17.96 26.11 4.86
CA ASP B 209 -18.42 25.12 5.79
C ASP B 209 -17.38 24.21 6.36
N PHE B 210 -16.43 23.73 5.55
CA PHE B 210 -15.57 22.61 5.88
C PHE B 210 -14.10 22.88 5.63
N ILE B 211 -13.26 22.48 6.56
CA ILE B 211 -11.81 22.67 6.44
C ILE B 211 -11.17 21.36 6.69
N KCX B 212 -10.18 21.09 5.91
CA KCX B 212 -9.50 19.83 5.95
CB KCX B 212 -9.32 18.55 5.16
CG KCX B 212 -8.95 19.11 3.77
CD KCX B 212 -9.19 18.12 2.63
CE KCX B 212 -8.37 16.85 2.72
NZ KCX B 212 -6.96 17.09 2.89
C KCX B 212 -8.02 20.09 6.35
O KCX B 212 -7.40 21.06 5.92
CX KCX B 212 -6.25 17.19 1.69
OQ1 KCX B 212 -4.96 17.39 1.87
OQ2 KCX B 212 -6.70 17.10 0.50
N ASN B 213 -7.45 19.21 7.16
CA ASN B 213 -6.01 19.23 7.35
C ASN B 213 -5.36 18.88 6.02
N ASP B 214 -4.35 19.63 5.56
CA ASP B 214 -3.60 19.10 4.44
C ASP B 214 -3.05 17.68 4.89
N GLU B 215 -3.02 16.71 3.98
CA GLU B 215 -2.69 15.31 4.32
C GLU B 215 -1.45 15.04 5.27
N PRO B 216 -0.31 15.76 5.25
CA PRO B 216 0.76 15.43 6.19
C PRO B 216 0.67 16.15 7.55
N GLN B 217 -0.32 17.08 7.77
CA GLN B 217 -0.38 17.92 8.98
C GLN B 217 -0.73 17.09 10.23
N GLY B 218 0.12 17.19 11.26
CA GLY B 218 -0.12 16.41 12.46
C GLY B 218 0.52 16.99 13.70
N ASN B 219 1.66 16.42 14.10
CA ASN B 219 2.38 16.81 15.29
C ASN B 219 3.81 17.21 14.90
N GLN B 220 3.96 18.12 13.95
CA GLN B 220 5.31 18.61 13.60
C GLN B 220 5.86 19.47 14.75
N VAL B 221 7.18 19.52 14.88
CA VAL B 221 7.83 20.23 15.99
C VAL B 221 7.46 21.73 16.06
N PHE B 222 7.16 22.36 14.92
CA PHE B 222 6.75 23.78 14.84
C PHE B 222 5.23 23.99 14.98
N ALA B 223 4.42 22.93 14.93
CA ALA B 223 2.97 23.03 15.10
C ALA B 223 2.51 21.82 15.88
N PRO B 224 2.81 21.79 17.18
CA PRO B 224 2.44 20.61 17.97
C PRO B 224 0.94 20.34 17.87
N PHE B 225 0.60 19.04 17.81
CA PHE B 225 -0.77 18.59 17.59
C PHE B 225 -1.76 19.17 18.59
N LYS B 226 -1.45 19.08 19.88
CA LYS B 226 -2.42 19.53 20.87
C LYS B 226 -2.64 21.04 20.81
N ASP B 227 -1.58 21.81 20.56
CA ASP B 227 -1.69 23.27 20.43
C ASP B 227 -2.54 23.67 19.19
N THR B 228 -2.34 22.95 18.09
CA THR B 228 -3.07 23.26 16.85
C THR B 228 -4.54 22.88 17.03
N VAL B 229 -4.79 21.72 17.60
CA VAL B 229 -6.18 21.24 17.83
C VAL B 229 -6.94 22.22 18.72
N ARG B 230 -6.31 22.70 19.82
CA ARG B 230 -6.96 23.68 20.71
C ARG B 230 -7.22 25.01 20.03
N ALA B 231 -6.25 25.49 19.21
CA ALA B 231 -6.41 26.78 18.51
C ALA B 231 -7.50 26.69 17.45
N VAL B 232 -7.61 25.53 16.78
CA VAL B 232 -8.67 25.32 15.78
C VAL B 232 -10.03 25.24 16.50
N ALA B 233 -10.12 24.51 17.67
CA ALA B 233 -11.38 24.43 18.43
C ALA B 233 -11.87 25.85 18.82
N ASP B 234 -10.95 26.73 19.22
CA ASP B 234 -11.29 28.11 19.55
C ASP B 234 -11.74 28.88 18.28
N ALA B 235 -11.09 28.66 17.12
CA ALA B 235 -11.50 29.32 15.88
C ALA B 235 -12.89 28.85 15.43
N MET B 236 -13.20 27.55 15.64
CA MET B 236 -14.52 27.03 15.29
C MET B 236 -15.59 27.73 16.16
N ARG B 237 -15.37 27.83 17.48
CA ARG B 237 -16.34 28.51 18.34
C ARG B 237 -16.51 29.96 17.92
N ARG B 238 -15.40 30.64 17.59
CA ARG B 238 -15.47 32.05 17.22
C ARG B 238 -16.22 32.26 15.89
N ALA B 239 -15.98 31.43 14.90
CA ALA B 239 -16.65 31.52 13.61
C ALA B 239 -18.15 31.17 13.74
N GLN B 240 -18.47 30.14 14.52
CA GLN B 240 -19.87 29.77 14.75
C GLN B 240 -20.63 30.87 15.49
N ASP B 241 -19.99 31.53 16.49
CA ASP B 241 -20.60 32.66 17.21
C ASP B 241 -20.81 33.83 16.29
N LYS B 242 -19.84 34.10 15.42
CA LYS B 242 -19.89 35.21 14.49
C LYS B 242 -20.95 35.00 13.40
N THR B 243 -20.97 33.82 12.77
CA THR B 243 -21.86 33.56 11.64
C THR B 243 -23.23 33.00 12.01
N GLY B 244 -23.34 32.35 13.16
CA GLY B 244 -24.55 31.65 13.56
C GLY B 244 -24.76 30.34 12.77
N GLU B 245 -23.70 29.86 12.09
CA GLU B 245 -23.75 28.66 11.26
C GLU B 245 -22.78 27.63 11.80
N ALA B 246 -23.09 26.34 11.65
CA ALA B 246 -22.22 25.27 12.07
C ALA B 246 -21.05 25.11 11.09
N LYS B 247 -19.89 24.80 11.64
CA LYS B 247 -18.64 24.63 10.87
C LYS B 247 -18.03 23.26 11.14
N LEU B 248 -17.34 22.71 10.14
CA LEU B 248 -16.77 21.36 10.19
C LEU B 248 -15.27 21.37 9.97
N PHE B 249 -14.57 20.43 10.62
CA PHE B 249 -13.12 20.27 10.44
C PHE B 249 -12.81 18.80 10.32
N SER B 250 -11.91 18.47 9.38
CA SER B 250 -11.43 17.12 9.17
C SER B 250 -9.97 17.02 9.61
N PHE B 251 -9.71 16.34 10.74
CA PHE B 251 -8.36 16.22 11.27
C PHE B 251 -7.65 14.98 10.83
N ASN B 252 -6.42 15.12 10.40
CA ASN B 252 -5.58 13.99 10.07
C ASN B 252 -5.16 13.25 11.37
N ILE B 253 -5.59 11.99 11.53
CA ILE B 253 -5.22 11.18 12.70
C ILE B 253 -4.33 9.99 12.27
N THR B 254 -3.87 10.00 11.02
CA THR B 254 -2.95 8.99 10.50
C THR B 254 -1.70 8.78 11.35
N ALA B 255 -1.41 7.53 11.63
CA ALA B 255 -0.17 7.15 12.29
C ALA B 255 0.15 5.70 11.95
N ASP B 256 1.40 5.30 12.11
CA ASP B 256 1.80 3.88 11.99
C ASP B 256 1.20 3.14 13.19
N ASP B 257 1.29 3.76 14.38
CA ASP B 257 0.82 3.12 15.63
C ASP B 257 -0.68 3.39 15.83
N HIS B 258 -1.45 2.32 15.83
CA HIS B 258 -2.88 2.29 16.15
C HIS B 258 -3.19 3.12 17.40
N TYR B 259 -2.34 3.00 18.43
CA TYR B 259 -2.57 3.69 19.71
C TYR B 259 -2.36 5.19 19.58
N GLU B 260 -1.50 5.63 18.65
CA GLU B 260 -1.31 7.03 18.37
C GLU B 260 -2.58 7.56 17.66
N MET B 261 -3.11 6.80 16.71
CA MET B 261 -4.36 7.19 16.04
C MET B 261 -5.49 7.36 17.09
N LEU B 262 -5.62 6.40 18.03
CA LEU B 262 -6.61 6.52 19.11
C LEU B 262 -6.36 7.76 19.98
N ALA B 263 -5.10 8.02 20.35
CA ALA B 263 -4.78 9.17 21.22
C ALA B 263 -5.15 10.46 20.54
N ARG B 264 -4.82 10.58 19.24
CA ARG B 264 -5.16 11.78 18.48
C ARG B 264 -6.68 11.99 18.43
N GLY B 265 -7.39 10.96 18.03
CA GLY B 265 -8.85 11.02 17.91
C GLY B 265 -9.54 11.34 19.21
N GLU B 266 -9.14 10.64 20.29
CA GLU B 266 -9.72 10.88 21.61
C GLU B 266 -9.48 12.30 22.09
N PHE B 267 -8.26 12.81 21.87
CA PHE B 267 -7.93 14.19 22.28
C PHE B 267 -8.78 15.22 21.53
N ILE B 268 -8.96 15.01 20.21
CA ILE B 268 -9.79 15.92 19.40
C ILE B 268 -11.24 15.94 19.93
N LEU B 269 -11.84 14.78 20.13
CA LEU B 269 -13.26 14.73 20.56
C LEU B 269 -13.47 15.36 21.95
N GLU B 270 -12.55 15.13 22.86
CA GLU B 270 -12.65 15.71 24.18
C GLU B 270 -12.47 17.21 24.13
N THR B 271 -11.51 17.68 23.36
CA THR B 271 -11.26 19.12 23.21
C THR B 271 -12.44 19.84 22.54
N PHE B 272 -12.99 19.27 21.45
CA PHE B 272 -14.09 19.92 20.74
C PHE B 272 -15.39 19.90 21.55
N ALA B 273 -15.53 18.92 22.47
CA ALA B 273 -16.64 18.84 23.44
C ALA B 273 -18.03 18.94 22.77
N ASP B 274 -18.79 20.04 23.00
CA ASP B 274 -20.12 20.19 22.40
C ASP B 274 -20.07 20.39 20.88
N ASN B 275 -18.86 20.55 20.28
CA ASN B 275 -18.67 20.57 18.82
C ASN B 275 -18.04 19.24 18.32
N ALA B 276 -18.08 18.16 19.12
CA ALA B 276 -17.42 16.89 18.72
C ALA B 276 -18.08 16.27 17.50
N ASP B 277 -19.41 16.49 17.30
CA ASP B 277 -20.06 15.98 16.10
C ASP B 277 -19.79 16.85 14.84
N HIS B 278 -18.95 17.89 14.95
CA HIS B 278 -18.53 18.70 13.82
C HIS B 278 -17.17 18.21 13.27
N ILE B 279 -16.68 17.09 13.79
CA ILE B 279 -15.35 16.59 13.45
C ILE B 279 -15.38 15.38 12.56
N ALA B 280 -14.60 15.43 11.51
CA ALA B 280 -14.30 14.32 10.64
C ALA B 280 -12.87 13.88 10.95
N PHE B 281 -12.59 12.59 10.79
CA PHE B 281 -11.24 12.08 10.91
C PHE B 281 -10.70 11.68 9.53
N LEU B 282 -9.58 12.29 9.17
CA LEU B 282 -8.89 12.05 7.93
C LEU B 282 -7.81 10.99 8.14
N VAL B 283 -7.80 9.98 7.27
CA VAL B 283 -6.80 8.92 7.25
C VAL B 283 -6.21 8.88 5.83
N ASP B 284 -4.88 8.89 5.74
CA ASP B 284 -4.13 8.73 4.49
C ASP B 284 -4.15 7.24 4.19
N GLY B 285 -5.29 6.79 3.69
CA GLY B 285 -5.60 5.37 3.53
C GLY B 285 -4.77 4.58 2.54
N TYR B 286 -4.24 5.25 1.51
CA TYR B 286 -3.40 4.54 0.53
C TYR B 286 -1.99 4.34 1.12
N VAL B 287 -1.38 5.38 1.73
CA VAL B 287 -0.02 5.22 2.27
C VAL B 287 0.02 4.44 3.59
N ALA B 288 -0.91 4.68 4.54
CA ALA B 288 -0.90 4.01 5.86
C ALA B 288 -1.55 2.65 5.79
N GLY B 289 -2.44 2.48 4.82
CA GLY B 289 -3.05 1.21 4.47
C GLY B 289 -4.43 0.97 5.03
N PRO B 290 -5.04 -0.14 4.58
CA PRO B 290 -6.34 -0.54 5.11
C PRO B 290 -6.38 -0.69 6.64
N ALA B 291 -5.30 -1.14 7.28
CA ALA B 291 -5.25 -1.28 8.73
C ALA B 291 -5.53 0.08 9.43
N ALA B 292 -4.94 1.18 8.94
CA ALA B 292 -5.16 2.52 9.46
C ALA B 292 -6.65 3.00 9.25
N VAL B 293 -7.22 2.67 8.08
CA VAL B 293 -8.59 3.05 7.72
C VAL B 293 -9.55 2.34 8.70
N THR B 294 -9.35 1.03 8.92
CA THR B 294 -10.18 0.23 9.82
C THR B 294 -10.00 0.70 11.28
N THR B 295 -8.76 1.10 11.70
CA THR B 295 -8.59 1.64 13.04
C THR B 295 -9.60 2.77 13.26
N ALA B 296 -9.64 3.76 12.34
CA ALA B 296 -10.53 4.89 12.45
C ALA B 296 -12.00 4.47 12.34
N ARG B 297 -12.34 3.58 11.39
CA ARG B 297 -13.72 3.15 11.15
C ARG B 297 -14.30 2.43 12.36
N ARG B 298 -13.53 1.51 12.96
CA ARG B 298 -14.02 0.73 14.09
C ARG B 298 -13.92 1.48 15.41
N ALA B 299 -12.91 2.35 15.61
CA ALA B 299 -12.79 3.06 16.89
C ALA B 299 -13.73 4.23 16.94
N PHE B 300 -13.96 4.91 15.82
CA PHE B 300 -14.76 6.12 15.76
C PHE B 300 -15.83 6.02 14.69
N PRO B 301 -16.76 5.04 14.80
CA PRO B 301 -17.80 4.91 13.78
C PRO B 301 -18.77 6.06 13.66
N LYS B 302 -18.87 6.92 14.68
CA LYS B 302 -19.77 8.07 14.67
C LYS B 302 -19.07 9.33 14.25
N GLN B 303 -17.81 9.24 13.74
CA GLN B 303 -17.10 10.39 13.20
C GLN B 303 -16.88 10.09 11.74
N TYR B 304 -17.25 11.04 10.87
CA TYR B 304 -17.10 10.95 9.43
C TYR B 304 -15.65 10.56 9.08
N LEU B 305 -15.47 9.44 8.40
CA LEU B 305 -14.16 8.93 8.02
C LEU B 305 -13.81 9.43 6.61
N HIS B 306 -12.87 10.36 6.57
CA HIS B 306 -12.41 11.01 5.35
C HIS B 306 -11.15 10.28 4.83
N TYR B 307 -11.31 9.48 3.76
CA TYR B 307 -10.21 8.73 3.18
C TYR B 307 -9.44 9.64 2.23
N HIS B 308 -8.19 9.97 2.59
CA HIS B 308 -7.29 10.74 1.74
C HIS B 308 -6.40 9.71 1.03
N ARG B 309 -6.30 9.78 -0.28
CA ARG B 309 -5.63 8.75 -1.09
C ARG B 309 -4.24 9.15 -1.58
N ALA B 310 -3.59 10.17 -1.00
CA ALA B 310 -2.20 10.53 -1.35
C ALA B 310 -1.37 9.30 -1.65
N GLY B 311 -0.68 9.31 -2.79
CA GLY B 311 0.19 8.20 -3.19
C GLY B 311 -0.38 7.27 -4.22
N HIS B 312 -1.72 7.23 -4.31
CA HIS B 312 -2.46 6.31 -5.16
C HIS B 312 -2.05 6.38 -6.62
N GLY B 313 -1.64 7.56 -7.11
CA GLY B 313 -1.26 7.76 -8.50
C GLY B 313 -0.14 6.86 -8.98
N ALA B 314 0.71 6.35 -8.04
CA ALA B 314 1.76 5.41 -8.40
C ALA B 314 1.20 4.19 -9.10
N VAL B 315 -0.06 3.78 -8.79
CA VAL B 315 -0.70 2.65 -9.49
C VAL B 315 -1.92 3.09 -10.31
N THR B 316 -2.72 4.05 -9.83
CA THR B 316 -3.97 4.37 -10.52
C THR B 316 -3.81 5.20 -11.77
N SER B 317 -2.66 5.89 -11.94
CA SER B 317 -2.46 6.68 -13.14
C SER B 317 -2.75 5.87 -14.39
N PRO B 318 -3.41 6.45 -15.41
CA PRO B 318 -3.51 5.75 -16.71
C PRO B 318 -2.15 5.40 -17.32
N GLN B 319 -1.07 6.13 -16.92
CA GLN B 319 0.32 5.86 -17.34
C GLN B 319 0.79 4.52 -16.77
N SER B 320 0.23 4.08 -15.63
CA SER B 320 0.58 2.79 -15.05
C SER B 320 -0.27 1.69 -15.67
N LYS B 321 0.39 0.59 -16.02
CA LYS B 321 -0.29 -0.59 -16.54
C LYS B 321 -0.35 -1.68 -15.46
N ARG B 322 -0.08 -1.33 -14.19
CA ARG B 322 -0.08 -2.26 -13.06
C ARG B 322 -1.01 -1.84 -11.94
N GLY B 323 -1.24 -2.77 -11.01
CA GLY B 323 -2.03 -2.51 -9.82
C GLY B 323 -3.53 -2.44 -10.06
N TYR B 324 -4.12 -1.30 -9.81
CA TYR B 324 -5.55 -1.14 -10.00
C TYR B 324 -5.86 0.32 -10.26
N THR B 325 -7.03 0.58 -10.84
CA THR B 325 -7.46 1.92 -11.20
C THR B 325 -8.06 2.64 -9.98
N ALA B 326 -8.34 3.94 -10.14
CA ALA B 326 -9.01 4.75 -9.10
C ALA B 326 -10.44 4.28 -8.88
N PHE B 327 -11.09 3.70 -9.92
CA PHE B 327 -12.42 3.15 -9.77
C PHE B 327 -12.36 2.00 -8.76
N VAL B 328 -11.39 1.09 -8.92
CA VAL B 328 -11.24 -0.06 -8.01
C VAL B 328 -10.90 0.42 -6.57
N LEU B 329 -9.99 1.40 -6.46
CA LEU B 329 -9.64 1.95 -5.15
C LEU B 329 -10.86 2.51 -4.44
N SER B 330 -11.68 3.27 -5.16
CA SER B 330 -12.86 3.90 -4.56
C SER B 330 -13.89 2.87 -4.14
N LYS B 331 -14.12 1.84 -4.99
CA LYS B 331 -15.09 0.79 -4.68
C LYS B 331 -14.65 0.01 -3.42
N MET B 332 -13.35 -0.28 -3.27
CA MET B 332 -12.86 -0.93 -2.05
C MET B 332 -13.08 -0.06 -0.85
N ALA B 333 -12.79 1.26 -0.97
CA ALA B 333 -12.95 2.20 0.17
C ALA B 333 -14.37 2.20 0.74
N ARG B 334 -15.40 2.09 -0.12
CA ARG B 334 -16.77 2.00 0.34
C ARG B 334 -16.94 0.75 1.20
N LEU B 335 -16.43 -0.39 0.74
CA LEU B 335 -16.47 -1.64 1.54
C LEU B 335 -15.72 -1.45 2.89
N GLN B 336 -14.58 -0.76 2.86
CA GLN B 336 -13.76 -0.54 4.07
C GLN B 336 -14.46 0.37 5.10
N GLY B 337 -15.36 1.20 4.63
CA GLY B 337 -16.15 2.06 5.46
C GLY B 337 -15.79 3.51 5.45
N ALA B 338 -15.10 3.93 4.42
CA ALA B 338 -14.85 5.35 4.25
C ALA B 338 -16.19 6.07 4.13
N SER B 339 -16.35 7.19 4.83
CA SER B 339 -17.54 8.02 4.73
C SER B 339 -17.45 8.85 3.48
N GLY B 340 -16.22 9.20 3.15
CA GLY B 340 -15.92 9.91 1.93
C GLY B 340 -14.54 9.55 1.42
N ILE B 341 -14.35 9.68 0.13
CA ILE B 341 -13.04 9.44 -0.47
C ILE B 341 -12.84 10.40 -1.59
N HIS B 342 -11.61 10.82 -1.74
CA HIS B 342 -11.19 11.67 -2.82
C HIS B 342 -11.33 10.88 -4.13
N THR B 343 -12.15 11.35 -5.06
CA THR B 343 -12.40 10.67 -6.36
C THR B 343 -11.74 11.41 -7.51
N GLY B 344 -11.10 12.53 -7.17
CA GLY B 344 -10.43 13.37 -8.13
C GLY B 344 -11.39 14.35 -8.75
N THR B 345 -10.86 15.21 -9.60
CA THR B 345 -11.63 16.28 -10.24
C THR B 345 -12.14 15.86 -11.62
N MET B 346 -11.95 14.60 -12.04
CA MET B 346 -12.50 14.08 -13.29
C MET B 346 -12.03 14.91 -14.50
N GLY B 347 -10.75 15.31 -14.47
CA GLY B 347 -10.11 16.09 -15.52
C GLY B 347 -10.21 17.60 -15.37
N PHE B 348 -11.00 18.10 -14.40
CA PHE B 348 -11.22 19.54 -14.27
C PHE B 348 -10.19 20.27 -13.37
N GLY B 349 -9.32 19.53 -12.67
CA GLY B 349 -8.31 20.10 -11.80
C GLY B 349 -6.87 19.85 -12.20
N LYS B 350 -5.94 19.92 -11.21
CA LYS B 350 -4.49 19.80 -11.44
C LYS B 350 -3.96 18.37 -11.48
N MET B 351 -4.73 17.38 -10.99
CA MET B 351 -4.26 16.00 -10.91
C MET B 351 -4.76 15.23 -12.14
N GLU B 352 -4.19 14.04 -12.39
CA GLU B 352 -4.63 13.22 -13.51
C GLU B 352 -6.05 12.71 -13.23
N GLY B 353 -6.93 12.86 -14.21
CA GLY B 353 -8.33 12.45 -14.10
C GLY B 353 -9.00 12.59 -15.46
N GLU B 354 -10.17 11.96 -15.65
CA GLU B 354 -10.92 11.99 -16.92
C GLU B 354 -12.39 12.20 -16.62
N ALA B 355 -13.12 12.79 -17.55
CA ALA B 355 -14.57 13.02 -17.40
C ALA B 355 -15.35 11.74 -17.07
N ALA B 356 -14.94 10.58 -17.62
CA ALA B 356 -15.63 9.29 -17.39
C ALA B 356 -15.54 8.84 -15.93
N ASP B 357 -14.70 9.49 -15.10
CA ASP B 357 -14.58 9.19 -13.69
C ASP B 357 -15.89 9.52 -12.92
N ARG B 358 -16.88 10.14 -13.55
CA ARG B 358 -18.19 10.34 -12.92
C ARG B 358 -18.80 8.98 -12.53
N ALA B 359 -18.48 7.90 -13.30
CA ALA B 359 -18.94 6.53 -12.99
C ALA B 359 -18.39 6.05 -11.64
N ILE B 360 -17.23 6.57 -11.22
CA ILE B 360 -16.64 6.29 -9.92
C ILE B 360 -17.61 6.85 -8.85
N ALA B 361 -18.02 8.11 -9.01
CA ALA B 361 -18.94 8.76 -8.06
C ALA B 361 -20.24 7.98 -7.92
N TYR B 362 -20.84 7.53 -9.04
CA TYR B 362 -22.10 6.76 -8.93
C TYR B 362 -21.88 5.41 -8.28
N MET B 363 -20.74 4.77 -8.52
CA MET B 363 -20.49 3.45 -7.90
C MET B 363 -20.43 3.55 -6.38
N ILE B 364 -19.93 4.69 -5.88
CA ILE B 364 -19.78 4.85 -4.45
C ILE B 364 -21.00 5.50 -3.78
N THR B 365 -21.91 6.19 -4.50
CA THR B 365 -23.08 6.80 -3.88
C THR B 365 -24.36 6.00 -4.10
N GLU B 366 -24.51 5.26 -5.19
CA GLU B 366 -25.78 4.61 -5.51
C GLU B 366 -25.91 3.22 -4.92
N ASP B 367 -27.15 2.70 -4.86
CA ASP B 367 -27.41 1.35 -4.34
C ASP B 367 -27.20 0.30 -5.42
N ALA B 368 -27.28 0.73 -6.68
CA ALA B 368 -27.04 -0.11 -7.84
C ALA B 368 -26.27 0.72 -8.85
N ALA B 369 -25.19 0.16 -9.42
CA ALA B 369 -24.38 0.91 -10.36
C ALA B 369 -23.57 -0.02 -11.23
N ASP B 370 -23.11 0.52 -12.36
CA ASP B 370 -22.27 -0.19 -13.31
C ASP B 370 -20.83 0.29 -13.31
N GLY B 371 -19.90 -0.66 -13.22
CA GLY B 371 -18.48 -0.40 -13.40
C GLY B 371 -18.19 -0.69 -14.84
N PRO B 372 -16.91 -0.58 -15.28
CA PRO B 372 -16.59 -0.87 -16.69
C PRO B 372 -16.95 -2.29 -17.12
N TYR B 373 -16.96 -3.28 -16.22
CA TYR B 373 -17.24 -4.68 -16.56
C TYR B 373 -18.38 -5.31 -15.76
N PHE B 374 -18.62 -4.88 -14.51
CA PHE B 374 -19.63 -5.50 -13.64
C PHE B 374 -20.66 -4.54 -13.07
N HIS B 375 -21.90 -5.01 -13.03
CA HIS B 375 -23.01 -4.37 -12.32
C HIS B 375 -22.83 -4.71 -10.85
N GLN B 376 -23.11 -3.78 -9.97
CA GLN B 376 -23.00 -4.05 -8.53
C GLN B 376 -24.26 -3.59 -7.82
N GLU B 377 -24.87 -4.50 -7.05
CA GLU B 377 -25.95 -4.20 -6.10
C GLU B 377 -25.26 -4.04 -4.76
N TRP B 378 -25.53 -2.93 -4.05
CA TRP B 378 -24.90 -2.66 -2.76
C TRP B 378 -25.75 -3.13 -1.58
N LEU B 379 -26.98 -3.63 -1.82
CA LEU B 379 -27.83 -4.17 -0.75
C LEU B 379 -28.02 -3.25 0.48
N GLY B 380 -28.18 -1.96 0.21
CA GLY B 380 -28.39 -0.97 1.25
C GLY B 380 -27.16 -0.52 2.00
N MET B 381 -25.95 -0.98 1.59
CA MET B 381 -24.72 -0.52 2.23
C MET B 381 -24.66 0.99 2.03
N ASN B 382 -24.24 1.70 3.07
CA ASN B 382 -24.21 3.15 3.01
C ASN B 382 -23.32 3.68 1.91
N PRO B 383 -23.68 4.86 1.39
CA PRO B 383 -22.86 5.47 0.35
C PRO B 383 -21.58 6.08 0.94
N THR B 384 -20.59 6.31 0.06
CA THR B 384 -19.34 7.03 0.36
C THR B 384 -19.41 8.31 -0.46
N THR B 385 -19.15 9.48 0.12
CA THR B 385 -19.21 10.76 -0.59
C THR B 385 -18.06 10.96 -1.58
N PRO B 386 -18.30 11.47 -2.79
CA PRO B 386 -17.16 11.88 -3.63
C PRO B 386 -16.58 13.17 -3.07
N ILE B 387 -15.33 13.17 -2.61
CA ILE B 387 -14.73 14.42 -2.11
C ILE B 387 -13.92 14.94 -3.27
N ILE B 388 -14.26 16.10 -3.75
CA ILE B 388 -13.65 16.67 -4.93
C ILE B 388 -12.58 17.64 -4.53
N SER B 389 -11.37 17.41 -5.02
CA SER B 389 -10.21 18.20 -4.62
C SER B 389 -9.03 18.05 -5.56
N GLY B 390 -8.18 19.08 -5.62
CA GLY B 390 -6.95 19.09 -6.41
C GLY B 390 -7.01 20.11 -7.52
N GLY B 391 -6.55 21.33 -7.22
CA GLY B 391 -6.52 22.41 -8.20
C GLY B 391 -7.88 22.95 -8.57
N MET B 392 -8.86 22.84 -7.66
CA MET B 392 -10.19 23.40 -7.95
C MET B 392 -10.27 24.85 -7.49
N ASN B 393 -11.18 25.59 -8.13
CA ASN B 393 -11.44 26.97 -7.78
C ASN B 393 -12.81 27.29 -8.34
N ALA B 394 -13.34 28.45 -7.99
CA ALA B 394 -14.68 28.90 -8.40
C ALA B 394 -14.91 28.89 -9.92
N LEU B 395 -13.85 29.10 -10.75
CA LEU B 395 -14.02 29.12 -12.22
C LEU B 395 -14.19 27.72 -12.80
N ARG B 396 -13.46 26.75 -12.26
CA ARG B 396 -13.51 25.37 -12.76
C ARG B 396 -14.74 24.58 -12.28
N MET B 397 -15.50 25.09 -11.28
CA MET B 397 -16.62 24.34 -10.68
C MET B 397 -17.86 24.13 -11.57
N PRO B 398 -18.42 25.13 -12.27
CA PRO B 398 -19.64 24.86 -13.08
C PRO B 398 -19.43 23.75 -14.14
N GLY B 399 -18.25 23.69 -14.76
CA GLY B 399 -17.92 22.64 -15.72
C GLY B 399 -17.84 21.28 -15.05
N PHE B 400 -17.26 21.23 -13.84
CA PHE B 400 -17.19 19.97 -13.09
C PHE B 400 -18.59 19.42 -12.79
N PHE B 401 -19.48 20.27 -12.27
CA PHE B 401 -20.84 19.84 -11.91
C PHE B 401 -21.64 19.41 -13.11
N ASP B 402 -21.48 20.10 -14.28
CA ASP B 402 -22.17 19.68 -15.51
C ASP B 402 -21.80 18.24 -15.84
N ASN B 403 -20.51 17.90 -15.73
CA ASN B 403 -20.05 16.56 -16.03
C ASN B 403 -20.60 15.53 -15.03
N LEU B 404 -20.63 15.85 -13.71
CA LEU B 404 -21.09 14.91 -12.69
C LEU B 404 -22.63 14.75 -12.66
N GLY B 405 -23.37 15.85 -12.63
CA GLY B 405 -24.82 15.85 -12.58
C GLY B 405 -25.47 16.23 -11.27
N HIS B 406 -24.69 16.41 -10.20
CA HIS B 406 -25.23 16.81 -8.91
C HIS B 406 -24.13 17.50 -8.11
N SER B 407 -24.53 18.13 -6.99
CA SER B 407 -23.60 18.79 -6.07
C SER B 407 -23.82 18.29 -4.60
N ASN B 408 -24.26 17.04 -4.41
CA ASN B 408 -24.44 16.45 -3.07
C ASN B 408 -23.11 15.86 -2.68
N LEU B 409 -22.15 16.73 -2.38
CA LEU B 409 -20.78 16.33 -2.13
C LEU B 409 -20.00 17.41 -1.41
N ILE B 410 -18.76 17.07 -1.04
CA ILE B 410 -17.81 17.99 -0.43
C ILE B 410 -16.78 18.35 -1.48
N MET B 411 -16.48 19.63 -1.64
CA MET B 411 -15.37 20.03 -2.49
C MET B 411 -14.44 20.87 -1.65
N THR B 412 -13.15 20.53 -1.67
CA THR B 412 -12.13 21.27 -0.95
C THR B 412 -11.21 21.95 -1.96
N ALA B 413 -11.08 23.28 -1.86
CA ALA B 413 -10.17 24.05 -2.70
C ALA B 413 -9.19 24.82 -1.80
N GLY B 414 -7.95 24.34 -1.69
CA GLY B 414 -6.90 24.95 -0.88
C GLY B 414 -6.34 26.20 -1.52
N GLY B 415 -5.73 26.04 -2.68
CA GLY B 415 -5.23 27.12 -3.52
C GLY B 415 -6.38 27.98 -4.03
N GLY B 416 -7.48 27.36 -4.40
CA GLY B 416 -8.68 28.08 -4.86
C GLY B 416 -9.36 28.95 -3.83
N ALA B 417 -9.05 28.78 -2.50
CA ALA B 417 -9.63 29.63 -1.44
C ALA B 417 -8.59 30.60 -0.89
N PHE B 418 -7.42 30.07 -0.43
CA PHE B 418 -6.36 30.89 0.16
C PHE B 418 -5.54 31.63 -0.89
N GLY B 419 -5.74 31.30 -2.17
CA GLY B 419 -5.10 31.99 -3.28
C GLY B 419 -6.00 33.06 -3.88
N HIS B 420 -7.26 33.20 -3.40
CA HIS B 420 -8.18 34.26 -3.87
C HIS B 420 -7.55 35.64 -3.52
N VAL B 421 -7.62 36.60 -4.44
CA VAL B 421 -7.00 37.93 -4.27
C VAL B 421 -7.46 38.66 -2.97
N ASP B 422 -8.69 38.40 -2.47
CA ASP B 422 -9.21 39.09 -1.29
C ASP B 422 -9.20 38.24 -0.01
N GLY B 423 -8.54 37.09 -0.04
CA GLY B 423 -8.41 36.24 1.15
C GLY B 423 -9.37 35.06 1.22
N GLY B 424 -9.16 34.28 2.29
CA GLY B 424 -9.91 33.06 2.59
C GLY B 424 -11.41 33.16 2.51
N ALA B 425 -12.01 34.07 3.32
CA ALA B 425 -13.47 34.24 3.36
C ALA B 425 -14.03 34.54 2.00
N ALA B 426 -13.34 35.44 1.23
CA ALA B 426 -13.81 35.75 -0.11
C ALA B 426 -13.67 34.52 -1.00
N GLY B 427 -12.55 33.83 -0.87
CA GLY B 427 -12.32 32.55 -1.55
C GLY B 427 -13.47 31.58 -1.29
N ALA B 428 -13.89 31.44 0.00
CA ALA B 428 -15.02 30.57 0.38
C ALA B 428 -16.31 30.99 -0.29
N LYS B 429 -16.64 32.29 -0.20
CA LYS B 429 -17.88 32.78 -0.82
C LYS B 429 -17.86 32.58 -2.36
N SER B 430 -16.68 32.64 -3.03
CA SER B 430 -16.61 32.38 -4.48
C SER B 430 -16.91 30.89 -4.74
N LEU B 431 -16.46 29.97 -3.85
CA LEU B 431 -16.79 28.54 -4.00
C LEU B 431 -18.33 28.37 -3.81
N ARG B 432 -18.93 29.02 -2.78
CA ARG B 432 -20.39 28.98 -2.52
C ARG B 432 -21.16 29.50 -3.72
N GLN B 433 -20.78 30.70 -4.15
CA GLN B 433 -21.42 31.38 -5.29
C GLN B 433 -21.23 30.58 -6.59
N ALA B 434 -20.07 29.95 -6.80
CA ALA B 434 -19.85 29.15 -8.03
C ALA B 434 -20.85 27.98 -8.12
N GLU B 435 -21.14 27.29 -7.01
CA GLU B 435 -22.14 26.20 -7.03
C GLU B 435 -23.56 26.76 -7.16
N GLN B 436 -23.87 27.90 -6.53
CA GLN B 436 -25.19 28.56 -6.66
C GLN B 436 -25.44 28.96 -8.13
N CYS B 437 -24.36 29.33 -8.85
CA CYS B 437 -24.41 29.71 -10.28
C CYS B 437 -24.80 28.48 -11.11
N TRP B 438 -24.17 27.33 -10.83
CA TRP B 438 -24.44 26.08 -11.53
C TRP B 438 -25.85 25.58 -11.26
N LYS B 439 -26.30 25.63 -10.00
CA LYS B 439 -27.64 25.14 -9.63
C LYS B 439 -28.72 25.99 -10.29
N GLN B 440 -28.45 27.29 -10.50
CA GLN B 440 -29.40 28.21 -11.16
C GLN B 440 -29.36 28.09 -12.70
N GLY B 441 -28.35 27.41 -13.25
CA GLY B 441 -28.18 27.25 -14.69
C GLY B 441 -27.77 28.55 -15.37
N ALA B 442 -27.10 29.44 -14.60
CA ALA B 442 -26.67 30.75 -15.07
C ALA B 442 -25.35 30.69 -15.81
N ASP B 443 -25.09 31.69 -16.66
CA ASP B 443 -23.82 31.81 -17.37
C ASP B 443 -22.81 32.37 -16.37
N PRO B 444 -21.67 31.67 -16.06
CA PRO B 444 -20.75 32.18 -15.03
C PRO B 444 -20.29 33.64 -15.21
N VAL B 445 -19.99 34.09 -16.45
CA VAL B 445 -19.52 35.46 -16.67
C VAL B 445 -20.65 36.46 -16.35
N GLU B 446 -21.88 36.16 -16.78
CA GLU B 446 -23.03 37.04 -16.49
C GLU B 446 -23.33 37.09 -15.01
N PHE B 447 -23.28 35.92 -14.35
CA PHE B 447 -23.52 35.78 -12.91
C PHE B 447 -22.50 36.55 -12.07
N ALA B 448 -21.25 36.65 -12.54
CA ALA B 448 -20.15 37.30 -11.81
C ALA B 448 -20.37 38.82 -11.57
N LYS B 449 -21.14 39.50 -12.44
CA LYS B 449 -21.42 40.94 -12.25
C LYS B 449 -22.19 41.25 -10.96
N ASP B 450 -22.97 40.26 -10.43
CA ASP B 450 -23.77 40.43 -9.21
C ASP B 450 -23.15 39.78 -8.00
N HIS B 451 -22.02 39.08 -8.17
CA HIS B 451 -21.38 38.35 -7.11
C HIS B 451 -19.88 38.69 -7.09
N ARG B 452 -19.52 39.68 -6.25
CA ARG B 452 -18.18 40.24 -6.11
C ARG B 452 -17.09 39.20 -5.83
N GLU B 453 -17.34 38.29 -4.89
CA GLU B 453 -16.33 37.29 -4.54
C GLU B 453 -16.10 36.31 -5.71
N PHE B 454 -17.20 36.00 -6.45
CA PHE B 454 -17.13 35.09 -7.60
C PHE B 454 -16.34 35.75 -8.73
N ALA B 455 -16.63 37.05 -8.99
CA ALA B 455 -15.94 37.86 -10.00
C ALA B 455 -14.46 38.04 -9.69
N ARG B 456 -14.13 38.23 -8.42
CA ARG B 456 -12.73 38.42 -8.02
C ARG B 456 -11.90 37.11 -8.15
N ALA B 457 -12.55 35.93 -8.31
CA ALA B 457 -11.84 34.68 -8.60
C ALA B 457 -11.30 34.71 -10.05
N PHE B 458 -11.98 35.44 -10.96
CA PHE B 458 -11.52 35.62 -12.35
C PHE B 458 -10.16 36.33 -12.36
N GLU B 459 -10.02 37.40 -11.55
CA GLU B 459 -8.77 38.15 -11.43
C GLU B 459 -7.71 37.39 -10.56
N SER B 460 -8.14 36.44 -9.71
CA SER B 460 -7.24 35.64 -8.87
C SER B 460 -6.52 34.57 -9.67
N PHE B 461 -7.22 33.98 -10.67
CA PHE B 461 -6.69 32.88 -11.50
C PHE B 461 -6.91 33.27 -12.99
N PRO B 462 -6.19 34.32 -13.45
CA PRO B 462 -6.46 34.86 -14.80
C PRO B 462 -6.15 33.91 -15.96
N GLN B 463 -5.20 32.96 -15.81
CA GLN B 463 -4.91 32.00 -16.89
C GLN B 463 -6.11 31.08 -17.09
N ASP B 464 -6.72 30.60 -15.97
CA ASP B 464 -7.93 29.76 -15.97
C ASP B 464 -9.11 30.53 -16.60
N ALA B 465 -9.29 31.80 -16.21
CA ALA B 465 -10.35 32.66 -16.76
C ALA B 465 -10.16 32.89 -18.27
N ASP B 466 -8.90 33.07 -18.73
CA ASP B 466 -8.65 33.26 -20.18
C ASP B 466 -9.04 32.02 -21.00
N LYS B 467 -8.89 30.81 -20.43
CA LYS B 467 -9.20 29.56 -21.14
C LYS B 467 -10.68 29.21 -21.06
N LEU B 468 -11.29 29.33 -19.87
CA LEU B 468 -12.69 28.96 -19.65
C LEU B 468 -13.68 30.03 -20.13
N TYR B 469 -13.34 31.33 -19.99
CA TYR B 469 -14.22 32.45 -20.35
C TYR B 469 -13.40 33.50 -21.14
N PRO B 470 -13.10 33.21 -22.42
CA PRO B 470 -12.23 34.10 -23.21
C PRO B 470 -12.46 35.63 -23.22
N ASN B 471 -13.70 36.11 -23.05
CA ASN B 471 -13.98 37.56 -23.11
C ASN B 471 -14.32 38.16 -21.73
N TRP B 472 -13.87 37.50 -20.63
CA TRP B 472 -14.20 37.90 -19.26
C TRP B 472 -13.74 39.33 -18.89
N ARG B 473 -12.56 39.79 -19.36
CA ARG B 473 -12.06 41.12 -18.97
C ARG B 473 -13.00 42.22 -19.53
N ALA B 474 -14.06 42.52 -18.75
CA ALA B 474 -15.10 43.48 -19.12
C ALA B 474 -15.94 43.88 -17.90
C1 CAP C . 6.63 -18.51 -3.00
C2 CAP C . 5.52 -17.68 -2.41
C3 CAP C . 6.01 -16.28 -1.97
C4 CAP C . 6.68 -15.48 -3.08
C5 CAP C . 6.52 -13.97 -2.86
C CAP C . 4.36 -17.57 -3.37
O1 CAP C . 6.13 -19.85 -3.22
O2 CAP C . 5.04 -18.38 -1.27
O3 CAP C . 4.93 -15.59 -1.40
O4 CAP C . 8.05 -15.78 -3.09
O5 CAP C . 7.37 -13.30 -3.77
O6 CAP C . 3.21 -17.51 -2.86
O7 CAP C . 4.51 -17.53 -4.64
P1 CAP C . 7.00 -20.85 -4.14
P2 CAP C . 8.50 -12.35 -3.19
O1P CAP C . 7.29 -20.24 -5.49
O2P CAP C . 8.28 -21.25 -3.51
O3P CAP C . 6.27 -22.11 -4.47
O4P CAP C . 7.95 -11.16 -2.47
O5P CAP C . 9.29 -11.89 -4.36
O6P CAP C . 9.45 -12.97 -2.33
H11 CAP C . 7.38 -18.54 -2.38
H12 CAP C . 6.91 -18.13 -3.86
H3 CAP C . 6.64 -16.39 -1.25
H4 CAP C . 6.31 -15.70 -3.96
H51 CAP C . 5.60 -13.71 -3.05
H52 CAP C . 6.74 -13.75 -1.94
HO2 CAP C . 5.64 -18.34 -0.61
HO3 CAP C . 4.45 -16.14 -0.90
HO4 CAP C . 8.51 -15.20 -2.59
MG MG D . 3.35 -16.99 -0.89
K K E . 24.34 20.56 -5.88
C1 CAP F . -5.42 19.83 -2.82
C2 CAP F . -4.70 18.87 -1.91
C3 CAP F . -5.29 17.44 -1.99
C4 CAP F . -5.29 16.87 -3.40
C5 CAP F . -5.18 15.34 -3.39
C CAP F . -3.21 18.86 -2.17
O1 CAP F . -4.92 21.15 -2.52
O2 CAP F . -4.88 19.33 -0.56
O3 CAP F . -4.58 16.62 -1.09
O4 CAP F . -6.50 17.24 -4.03
O5 CAP F . -5.46 14.87 -4.71
O6 CAP F . -2.72 19.04 -3.33
O7 CAP F . -2.44 18.65 -1.20
P1 CAP F . -5.28 22.33 -3.58
P2 CAP F . -6.69 13.87 -4.93
O1P CAP F . -4.56 23.59 -3.29
O2P CAP F . -6.74 22.65 -3.60
O3P CAP F . -4.87 21.96 -4.98
O4P CAP F . -8.07 14.34 -4.60
O5P CAP F . -6.81 13.38 -6.32
O6P CAP F . -6.63 12.66 -4.08
H11 CAP F . -6.39 19.79 -2.66
H12 CAP F . -5.25 19.61 -3.74
H3 CAP F . -6.21 17.47 -1.68
H4 CAP F . -4.55 17.22 -3.94
H51 CAP F . -4.28 15.08 -3.13
H52 CAP F . -5.82 14.99 -2.76
HO2 CAP F . -5.73 19.23 -0.31
HO3 CAP F . -4.45 17.06 -0.33
HO4 CAP F . -7.11 16.59 -3.95
MG MG G . -3.53 17.79 0.50
K K H . -17.03 -17.84 -20.43
#